data_2Z5N
#
_entry.id   2Z5N
#
_cell.length_a   69.683
_cell.length_b   118.954
_cell.length_c   151.208
_cell.angle_alpha   90.00
_cell.angle_beta   90.00
_cell.angle_gamma   90.00
#
_symmetry.space_group_name_H-M   'P 21 21 21'
#
loop_
_entity.id
_entity.type
_entity.pdbx_description
1 polymer Transportin-1
2 polymer 'Heterogeneous nuclear ribonucleoprotein D0'
#
loop_
_entity_poly.entity_id
_entity_poly.type
_entity_poly.pdbx_seq_one_letter_code
_entity_poly.pdbx_strand_id
1 'polypeptide(L)'
;MEYEWKPDEQGLQQILQLLKESQSPDTTIQRTVQQKLEQLNQYPDFNNYLIFVLTKLKSEDEPTRSLSGLILKNNVKAHF
QNFPNGVTDFIKSECLNNIGDSSPLIRATVGILITTIASKGELQNWPDLLPKLCSLLDSEDYNTCEGAFGALQKICEDSA
EILDSDVLDRPLNIMIPKFLQFFKHSSPKIRSHAVACVNQFIISRTQALMLHIDSFIENLFALAGDEEPEVRKNVCRALV
MLLEVRMDRLLPHMHNIVEYMLQRTQDQDENVALEACEFWLTLAEQPICKDVLVRHLPKLIPVLVNGMKYSDIDIILLKG
DVEEDETIPDSEQDIRPRFHRSRTVAQQHDEDGIEEEDDDDDEIDDDDTISDWNLRKCSAAALDVLANVYRDELLPHILP
LLKELLFHHEWVVKESGILVLGAIAEGCMQGMIPYLPELIPHLIQCLSDKKALVRSITCWTLSRYAHWVVSQPPDTYLKP
LMTELLKRILDSNKRVQEAACSAFATLEEEACTELVPYLAYILDTLVFAFSKYQHKNLLILYDAIGTLADSVGHHLNKPE
YIQMLMPPLIQKWNMLKDEDKDLFPLLECLSSVATALQSGFLPYCEPVYQRCVNLVQKTLAQAMLNNAQPDQYEAPDKDF
MIVALDLLSGLAEGLGGNIEQLVARSNILTLMYQCMQDKMPEVRQSSFALLGDLTKACFQHVKPCIADFMPILGTNLNPE
FISVCNNATWAIGEISIQMGIEMQPYIPMVLHQLVEIINRPNTPKTLLENTAITIGRLGYVCPQEVAPMLQQFIRPWCTS
LRNIRDNEEKDSAFRGICTMISVNPSGVIQDFIFFCDAVASWINPKDDLRDMFCKILHGFKNQVGDENWRRFSDQFPLPL
KERLAAFYGV
;
A
2 'polypeptide(L)' YSNQQSGYGKVSRRGGHQNSYKPY B
#
# COMPACT_ATOMS: atom_id res chain seq x y z
N TRP A 5 -51.09 16.50 -13.11
CA TRP A 5 -50.88 15.69 -14.35
C TRP A 5 -51.88 14.55 -14.46
N LYS A 6 -52.36 14.32 -15.69
CA LYS A 6 -53.38 13.32 -15.96
C LYS A 6 -52.90 11.88 -15.75
N PRO A 7 -53.59 11.14 -14.87
CA PRO A 7 -53.23 9.77 -14.55
C PRO A 7 -53.41 8.87 -15.76
N ASP A 8 -54.35 9.22 -16.63
CA ASP A 8 -54.80 8.34 -17.70
C ASP A 8 -55.12 6.98 -17.09
N GLU A 9 -56.39 6.80 -16.72
CA GLU A 9 -56.83 5.64 -15.92
C GLU A 9 -56.65 4.30 -16.63
N GLN A 10 -56.00 4.32 -17.78
CA GLN A 10 -55.59 3.11 -18.50
C GLN A 10 -54.17 2.73 -18.10
N GLY A 11 -53.30 3.74 -18.02
CA GLY A 11 -51.93 3.56 -17.56
C GLY A 11 -51.80 3.57 -16.05
N LEU A 12 -52.94 3.55 -15.36
CA LEU A 12 -52.98 3.49 -13.90
C LEU A 12 -53.42 2.09 -13.43
N GLN A 13 -54.42 1.53 -14.12
CA GLN A 13 -54.88 0.17 -13.87
C GLN A 13 -53.94 -0.84 -14.54
N GLN A 14 -52.97 -0.31 -15.27
CA GLN A 14 -51.90 -1.10 -15.89
C GLN A 14 -50.77 -1.34 -14.88
N ILE A 15 -50.32 -0.25 -14.24
CA ILE A 15 -49.18 -0.31 -13.30
C ILE A 15 -49.58 -0.94 -11.96
N LEU A 16 -50.64 -0.42 -11.35
CA LEU A 16 -51.13 -0.89 -10.06
C LEU A 16 -51.05 -2.41 -9.92
N GLN A 17 -51.62 -3.11 -10.89
CA GLN A 17 -51.58 -4.57 -10.92
C GLN A 17 -50.15 -5.06 -10.98
N LEU A 18 -49.39 -4.56 -11.95
CA LEU A 18 -48.00 -4.94 -12.15
C LEU A 18 -47.11 -4.47 -10.99
N LEU A 19 -47.70 -3.74 -10.04
CA LEU A 19 -47.06 -3.43 -8.76
C LEU A 19 -47.53 -4.40 -7.70
N LYS A 20 -48.85 -4.62 -7.66
CA LYS A 20 -49.47 -5.56 -6.73
C LYS A 20 -48.81 -6.93 -6.84
N GLU A 21 -48.77 -7.47 -8.06
CA GLU A 21 -48.13 -8.75 -8.31
C GLU A 21 -46.61 -8.63 -8.51
N SER A 22 -46.06 -7.44 -8.30
CA SER A 22 -44.60 -7.24 -8.25
C SER A 22 -44.03 -7.72 -6.92
N GLN A 23 -44.93 -8.11 -6.01
CA GLN A 23 -44.56 -8.52 -4.67
C GLN A 23 -44.94 -9.97 -4.39
N SER A 24 -45.91 -10.47 -5.15
CA SER A 24 -46.40 -11.84 -5.03
C SER A 24 -45.22 -12.81 -4.82
N PRO A 25 -45.30 -13.66 -3.78
CA PRO A 25 -44.20 -14.53 -3.33
C PRO A 25 -43.30 -15.14 -4.42
N ASP A 26 -43.86 -15.92 -5.33
CA ASP A 26 -43.07 -16.70 -6.32
C ASP A 26 -42.12 -15.86 -7.19
N THR A 27 -40.88 -16.34 -7.33
CA THR A 27 -39.85 -15.67 -8.15
C THR A 27 -40.19 -15.73 -9.64
N THR A 28 -40.88 -16.80 -10.03
CA THR A 28 -41.42 -16.96 -11.37
C THR A 28 -42.13 -15.67 -11.83
N ILE A 29 -43.22 -15.34 -11.13
CA ILE A 29 -44.01 -14.13 -11.42
C ILE A 29 -43.26 -12.87 -10.98
N GLN A 30 -42.39 -13.01 -9.98
CA GLN A 30 -41.58 -11.90 -9.47
C GLN A 30 -40.77 -11.24 -10.59
N ARG A 31 -40.02 -12.05 -11.33
CA ARG A 31 -39.13 -11.51 -12.35
C ARG A 31 -39.83 -11.07 -13.63
N THR A 32 -40.80 -11.86 -14.10
CA THR A 32 -41.59 -11.51 -15.29
C THR A 32 -42.27 -10.15 -15.12
N VAL A 33 -42.86 -9.94 -13.94
CA VAL A 33 -43.63 -8.74 -13.64
C VAL A 33 -42.76 -7.51 -13.43
N GLN A 34 -41.57 -7.70 -12.87
CA GLN A 34 -40.64 -6.60 -12.59
C GLN A 34 -39.86 -6.12 -13.81
N GLN A 35 -39.66 -7.02 -14.78
CA GLN A 35 -38.92 -6.69 -15.99
C GLN A 35 -39.83 -6.11 -17.06
N LYS A 36 -40.99 -6.74 -17.27
CA LYS A 36 -42.02 -6.20 -18.17
C LYS A 36 -42.67 -4.94 -17.57
N LEU A 37 -41.99 -4.41 -16.55
CA LEU A 37 -42.46 -3.24 -15.81
C LEU A 37 -41.56 -2.06 -16.10
N GLU A 38 -40.32 -2.13 -15.61
CA GLU A 38 -39.33 -1.09 -15.85
C GLU A 38 -39.01 -0.94 -17.35
N GLN A 39 -39.46 -1.93 -18.13
CA GLN A 39 -39.40 -1.84 -19.58
C GLN A 39 -40.39 -0.81 -20.11
N LEU A 40 -41.52 -0.64 -19.41
CA LEU A 40 -42.49 0.39 -19.75
C LEU A 40 -41.94 1.79 -19.46
N ASN A 41 -40.62 1.89 -19.37
CA ASN A 41 -39.92 3.16 -19.20
C ASN A 41 -39.77 3.91 -20.54
N GLN A 42 -40.18 3.26 -21.62
CA GLN A 42 -40.16 3.84 -22.97
C GLN A 42 -40.98 5.13 -23.05
N TYR A 43 -42.12 5.16 -22.36
CA TYR A 43 -42.90 6.38 -22.16
C TYR A 43 -42.03 7.39 -21.41
N PRO A 44 -41.93 8.63 -21.91
CA PRO A 44 -41.35 9.65 -21.04
C PRO A 44 -42.31 10.04 -19.91
N ASP A 45 -43.57 9.63 -20.02
CA ASP A 45 -44.60 9.89 -19.00
C ASP A 45 -44.65 8.79 -17.92
N PHE A 46 -43.66 7.90 -17.93
CA PHE A 46 -43.62 6.73 -17.04
C PHE A 46 -43.19 7.06 -15.61
N ASN A 47 -42.14 7.85 -15.47
CA ASN A 47 -41.62 8.25 -14.17
C ASN A 47 -42.54 9.21 -13.41
N ASN A 48 -43.59 9.69 -14.10
CA ASN A 48 -44.58 10.58 -13.49
C ASN A 48 -45.66 9.79 -12.74
N TYR A 49 -45.91 8.58 -13.22
CA TYR A 49 -46.78 7.62 -12.54
C TYR A 49 -46.23 7.21 -11.18
N LEU A 50 -44.91 7.07 -11.12
CA LEU A 50 -44.20 6.52 -9.96
C LEU A 50 -44.00 7.49 -8.79
N ILE A 51 -44.74 8.60 -8.78
CA ILE A 51 -44.73 9.51 -7.63
C ILE A 51 -46.18 9.73 -7.15
N PHE A 52 -47.10 9.70 -8.11
CA PHE A 52 -48.53 9.87 -7.88
C PHE A 52 -49.07 8.80 -6.92
N VAL A 53 -48.58 7.57 -7.09
CA VAL A 53 -48.98 6.44 -6.25
C VAL A 53 -48.48 6.67 -4.83
N LEU A 54 -47.27 7.20 -4.70
CA LEU A 54 -46.66 7.47 -3.41
C LEU A 54 -47.37 8.63 -2.71
N THR A 55 -47.31 9.80 -3.33
CA THR A 55 -47.76 11.04 -2.70
C THR A 55 -49.27 11.26 -2.70
N LYS A 56 -49.97 10.74 -3.72
CA LYS A 56 -51.37 11.09 -3.91
C LYS A 56 -52.39 9.96 -3.76
N LEU A 57 -52.04 8.76 -4.21
CA LEU A 57 -52.92 7.59 -4.08
C LEU A 57 -52.95 7.05 -2.64
N LYS A 58 -53.63 7.78 -1.75
CA LYS A 58 -53.64 7.43 -0.32
C LYS A 58 -54.85 6.56 0.04
N SER A 59 -55.47 5.98 -0.98
CA SER A 59 -56.52 4.97 -0.79
C SER A 59 -55.94 3.58 -1.03
N GLU A 60 -54.71 3.56 -1.56
CA GLU A 60 -53.92 2.34 -1.70
C GLU A 60 -53.08 2.12 -0.44
N ASP A 61 -52.84 0.87 -0.08
CA ASP A 61 -52.10 0.56 1.16
C ASP A 61 -50.61 0.95 1.11
N GLU A 62 -50.04 1.10 2.30
CA GLU A 62 -48.73 1.71 2.52
C GLU A 62 -47.53 1.04 1.81
N PRO A 63 -47.45 -0.30 1.83
CA PRO A 63 -46.28 -0.93 1.20
C PRO A 63 -46.30 -0.69 -0.29
N THR A 64 -47.44 -0.97 -0.91
CA THR A 64 -47.65 -0.74 -2.33
C THR A 64 -47.30 0.71 -2.67
N ARG A 65 -47.85 1.64 -1.90
CA ARG A 65 -47.52 3.06 -2.04
C ARG A 65 -46.02 3.26 -2.04
N SER A 66 -45.35 2.82 -0.98
CA SER A 66 -43.93 3.07 -0.81
C SER A 66 -43.08 2.43 -1.92
N LEU A 67 -43.45 1.22 -2.32
CA LEU A 67 -42.71 0.46 -3.33
C LEU A 67 -42.59 1.22 -4.64
N SER A 68 -43.71 1.79 -5.09
CA SER A 68 -43.79 2.56 -6.33
C SER A 68 -42.80 3.72 -6.31
N GLY A 69 -42.98 4.64 -5.37
CA GLY A 69 -42.08 5.76 -5.18
C GLY A 69 -40.63 5.29 -5.06
N LEU A 70 -40.47 4.12 -4.46
CA LEU A 70 -39.16 3.50 -4.27
C LEU A 70 -38.46 3.11 -5.60
N ILE A 71 -39.21 2.47 -6.51
CA ILE A 71 -38.68 2.04 -7.81
C ILE A 71 -38.17 3.24 -8.61
N LEU A 72 -38.90 4.35 -8.50
CA LEU A 72 -38.53 5.60 -9.16
C LEU A 72 -37.09 5.97 -8.85
N LYS A 73 -36.72 5.86 -7.58
CA LYS A 73 -35.35 6.08 -7.14
C LYS A 73 -34.36 5.34 -8.04
N ASN A 74 -34.67 4.09 -8.36
CA ASN A 74 -33.84 3.28 -9.23
C ASN A 74 -33.94 3.74 -10.69
N ASN A 75 -35.12 4.21 -11.07
CA ASN A 75 -35.33 4.81 -12.40
C ASN A 75 -34.75 6.21 -12.49
N VAL A 76 -33.97 6.57 -11.48
CA VAL A 76 -33.14 7.76 -11.48
C VAL A 76 -31.68 7.31 -11.54
N LYS A 77 -31.37 6.21 -10.84
CA LYS A 77 -30.04 5.60 -10.87
C LYS A 77 -29.62 5.37 -12.31
N ALA A 78 -30.42 4.58 -13.02
CA ALA A 78 -30.37 4.53 -14.47
C ALA A 78 -31.64 5.23 -14.96
N HIS A 79 -31.71 5.48 -16.27
CA HIS A 79 -32.89 6.11 -16.89
C HIS A 79 -33.09 7.59 -16.53
N PHE A 80 -32.04 8.25 -16.05
CA PHE A 80 -32.14 9.67 -15.71
C PHE A 80 -31.95 10.57 -16.93
N GLN A 81 -31.09 10.17 -17.84
CA GLN A 81 -30.78 11.00 -19.03
C GLN A 81 -31.96 11.12 -19.99
N ASN A 82 -32.97 10.27 -19.83
CA ASN A 82 -34.22 10.34 -20.60
C ASN A 82 -35.33 11.05 -19.83
N PHE A 83 -34.96 11.93 -18.90
CA PHE A 83 -35.92 12.61 -18.04
C PHE A 83 -36.61 13.79 -18.72
N PRO A 84 -37.96 13.74 -18.85
CA PRO A 84 -38.66 14.96 -19.19
C PRO A 84 -38.71 15.84 -17.95
N ASN A 85 -38.39 17.12 -18.12
CA ASN A 85 -38.30 18.05 -17.00
C ASN A 85 -39.64 18.35 -16.33
N GLY A 86 -40.72 18.28 -17.10
CA GLY A 86 -42.09 18.41 -16.58
C GLY A 86 -42.38 17.35 -15.53
N VAL A 87 -41.92 16.13 -15.78
CA VAL A 87 -41.96 15.05 -14.82
C VAL A 87 -41.11 15.41 -13.61
N THR A 88 -39.84 15.72 -13.84
CA THR A 88 -38.84 15.95 -12.78
C THR A 88 -39.18 17.06 -11.76
N ASP A 89 -39.51 18.26 -12.25
CA ASP A 89 -39.88 19.38 -11.38
C ASP A 89 -41.13 19.12 -10.54
N PHE A 90 -42.00 18.26 -11.05
CA PHE A 90 -43.18 17.81 -10.32
C PHE A 90 -42.82 16.77 -9.26
N ILE A 91 -41.92 15.84 -9.61
CA ILE A 91 -41.39 14.83 -8.66
C ILE A 91 -40.66 15.53 -7.51
N LYS A 92 -39.80 16.49 -7.87
CA LYS A 92 -39.07 17.34 -6.91
C LYS A 92 -40.01 18.05 -5.94
N SER A 93 -41.21 18.39 -6.43
CA SER A 93 -42.19 19.20 -5.72
C SER A 93 -43.00 18.44 -4.66
N GLU A 94 -43.54 17.27 -5.04
CA GLU A 94 -44.34 16.44 -4.14
C GLU A 94 -43.54 15.91 -2.97
N CYS A 95 -42.24 15.69 -3.22
CA CYS A 95 -41.30 15.21 -2.22
C CYS A 95 -40.97 16.28 -1.17
N LEU A 96 -40.35 17.37 -1.63
CA LEU A 96 -39.92 18.46 -0.75
C LEU A 96 -41.07 19.03 0.10
N ASN A 97 -42.31 18.73 -0.32
CA ASN A 97 -43.51 19.05 0.44
C ASN A 97 -43.90 17.95 1.42
N ASN A 98 -44.18 16.76 0.90
CA ASN A 98 -44.58 15.62 1.73
C ASN A 98 -43.43 15.03 2.55
N ILE A 99 -42.39 15.83 2.76
CA ILE A 99 -41.14 15.43 3.43
C ILE A 99 -41.33 14.82 4.83
N GLY A 100 -42.35 15.27 5.55
CA GLY A 100 -42.66 14.71 6.87
C GLY A 100 -44.05 14.12 6.90
N ASP A 101 -44.30 13.13 6.05
CA ASP A 101 -45.59 12.43 6.05
C ASP A 101 -45.78 11.66 7.36
N SER A 102 -47.03 11.61 7.81
CA SER A 102 -47.43 10.97 9.07
C SER A 102 -46.83 9.59 9.32
N SER A 103 -46.61 8.82 8.25
CA SER A 103 -46.07 7.48 8.37
C SER A 103 -44.53 7.48 8.33
N PRO A 104 -43.91 6.76 9.30
CA PRO A 104 -42.48 6.45 9.30
C PRO A 104 -41.96 5.94 7.97
N LEU A 105 -42.60 4.90 7.42
CA LEU A 105 -42.18 4.28 6.16
C LEU A 105 -42.19 5.24 4.97
N ILE A 106 -43.28 5.97 4.80
CA ILE A 106 -43.44 6.91 3.68
C ILE A 106 -42.44 8.06 3.77
N ARG A 107 -42.37 8.68 4.94
CA ARG A 107 -41.40 9.73 5.26
C ARG A 107 -40.01 9.29 4.85
N ALA A 108 -39.69 8.03 5.13
CA ALA A 108 -38.39 7.46 4.82
C ALA A 108 -38.12 7.43 3.33
N THR A 109 -39.05 6.85 2.56
CA THR A 109 -38.86 6.66 1.11
C THR A 109 -38.45 7.98 0.47
N VAL A 110 -39.28 9.00 0.68
CA VAL A 110 -39.06 10.32 0.12
C VAL A 110 -37.60 10.77 0.33
N GLY A 111 -37.14 10.76 1.58
CA GLY A 111 -35.78 11.20 1.92
C GLY A 111 -34.68 10.61 1.06
N ILE A 112 -34.83 9.34 0.71
CA ILE A 112 -33.85 8.66 -0.14
C ILE A 112 -33.89 9.17 -1.58
N LEU A 113 -35.10 9.35 -2.13
CA LEU A 113 -35.27 9.91 -3.46
C LEU A 113 -34.58 11.27 -3.57
N ILE A 114 -34.73 12.08 -2.52
CA ILE A 114 -34.08 13.37 -2.42
C ILE A 114 -32.56 13.22 -2.52
N THR A 115 -32.00 12.38 -1.67
CA THR A 115 -30.55 12.12 -1.68
C THR A 115 -30.04 11.64 -3.04
N THR A 116 -30.85 10.83 -3.71
CA THR A 116 -30.57 10.31 -5.06
C THR A 116 -30.55 11.44 -6.10
N ILE A 117 -31.65 12.18 -6.22
CA ILE A 117 -31.74 13.32 -7.12
C ILE A 117 -30.60 14.30 -6.85
N ALA A 118 -30.44 14.70 -5.59
CA ALA A 118 -29.32 15.54 -5.17
C ALA A 118 -28.04 14.72 -5.10
N SER A 119 -27.64 14.20 -6.27
CA SER A 119 -26.43 13.41 -6.45
C SER A 119 -26.39 12.98 -7.91
N LYS A 120 -27.52 12.46 -8.40
CA LYS A 120 -27.67 12.03 -9.79
C LYS A 120 -27.80 13.22 -10.75
N GLY A 121 -28.74 14.12 -10.45
CA GLY A 121 -28.90 15.35 -11.22
C GLY A 121 -28.13 16.49 -10.56
N GLU A 122 -26.93 16.18 -10.07
CA GLU A 122 -26.10 17.11 -9.27
C GLU A 122 -26.85 17.82 -8.15
N LEU A 123 -26.28 18.93 -7.70
CA LEU A 123 -26.88 19.72 -6.62
C LEU A 123 -27.29 21.08 -7.17
N GLN A 124 -26.42 21.67 -7.98
CA GLN A 124 -26.64 22.97 -8.60
C GLN A 124 -27.91 22.99 -9.45
N ASN A 125 -28.19 21.87 -10.12
CA ASN A 125 -29.37 21.73 -10.99
C ASN A 125 -30.70 21.78 -10.25
N TRP A 126 -30.68 21.42 -8.97
CA TRP A 126 -31.80 21.67 -8.06
C TRP A 126 -31.34 22.72 -7.04
N PRO A 127 -31.35 24.01 -7.46
CA PRO A 127 -30.75 25.04 -6.61
C PRO A 127 -31.55 25.32 -5.34
N ASP A 128 -32.88 25.32 -5.46
CA ASP A 128 -33.80 25.65 -4.37
C ASP A 128 -33.67 24.68 -3.20
N LEU A 129 -33.31 23.44 -3.53
CA LEU A 129 -33.33 22.33 -2.58
C LEU A 129 -32.65 22.62 -1.24
N LEU A 130 -31.41 23.10 -1.28
CA LEU A 130 -30.62 23.27 -0.06
C LEU A 130 -31.07 24.41 0.89
N PRO A 131 -31.28 25.65 0.37
CA PRO A 131 -31.84 26.67 1.27
C PRO A 131 -33.29 26.40 1.71
N LYS A 132 -33.99 25.47 1.05
CA LYS A 132 -35.34 25.06 1.47
C LYS A 132 -35.31 24.13 2.68
N LEU A 133 -34.36 23.20 2.67
CA LEU A 133 -34.15 22.27 3.78
C LEU A 133 -33.58 23.00 5.00
N CYS A 134 -32.50 23.74 4.79
CA CYS A 134 -31.87 24.57 5.81
C CYS A 134 -32.91 25.48 6.48
N SER A 135 -34.04 25.68 5.81
CA SER A 135 -35.17 26.42 6.35
C SER A 135 -36.15 25.47 7.01
N LEU A 136 -36.53 24.43 6.29
CA LEU A 136 -37.45 23.42 6.82
C LEU A 136 -36.77 22.66 7.95
N LEU A 137 -35.66 23.23 8.41
CA LEU A 137 -34.91 22.70 9.54
C LEU A 137 -35.32 23.38 10.83
N ASP A 138 -36.22 24.37 10.72
CA ASP A 138 -36.71 25.07 11.90
C ASP A 138 -38.20 24.79 12.13
N SER A 139 -38.81 24.07 11.20
CA SER A 139 -40.22 23.69 11.31
C SER A 139 -40.51 23.03 12.66
N GLU A 140 -41.64 23.41 13.24
CA GLU A 140 -42.05 22.93 14.56
C GLU A 140 -42.31 21.43 14.59
N ASP A 141 -42.80 20.90 13.47
CA ASP A 141 -43.15 19.48 13.37
C ASP A 141 -41.91 18.59 13.27
N TYR A 142 -41.82 17.63 14.18
CA TYR A 142 -40.68 16.71 14.23
C TYR A 142 -40.48 16.02 12.88
N ASN A 143 -41.54 15.39 12.40
CA ASN A 143 -41.54 14.66 11.12
C ASN A 143 -40.97 15.43 9.93
N THR A 144 -41.22 16.74 9.85
CA THR A 144 -40.64 17.56 8.81
C THR A 144 -39.17 17.84 9.09
N CYS A 145 -38.85 18.02 10.37
CA CYS A 145 -37.51 18.40 10.80
C CYS A 145 -36.50 17.25 10.68
N GLU A 146 -36.83 16.13 11.30
CA GLU A 146 -36.02 14.92 11.22
C GLU A 146 -36.00 14.39 9.78
N GLY A 147 -37.11 14.55 9.06
CA GLY A 147 -37.22 14.17 7.66
C GLY A 147 -36.40 15.04 6.72
N ALA A 148 -36.33 16.33 7.03
CA ALA A 148 -35.46 17.24 6.29
C ALA A 148 -34.00 17.01 6.66
N PHE A 149 -33.73 16.92 7.96
CA PHE A 149 -32.38 16.73 8.46
C PHE A 149 -31.80 15.40 8.00
N GLY A 150 -32.64 14.38 7.94
CA GLY A 150 -32.22 13.04 7.54
C GLY A 150 -31.70 12.99 6.12
N ALA A 151 -32.33 13.76 5.25
CA ALA A 151 -31.87 13.91 3.87
C ALA A 151 -30.63 14.79 3.84
N LEU A 152 -30.71 15.93 4.52
CA LEU A 152 -29.60 16.89 4.62
C LEU A 152 -28.30 16.25 5.04
N GLN A 153 -28.39 15.15 5.78
CA GLN A 153 -27.20 14.44 6.21
C GLN A 153 -26.59 13.61 5.08
N LYS A 154 -27.36 12.63 4.60
CA LYS A 154 -26.91 11.70 3.57
C LYS A 154 -26.36 12.45 2.35
N ILE A 155 -26.98 13.61 2.07
CA ILE A 155 -26.53 14.54 1.04
C ILE A 155 -25.22 15.22 1.46
N CYS A 156 -25.19 15.68 2.71
CA CYS A 156 -23.99 16.32 3.26
C CYS A 156 -22.83 15.35 3.34
N GLU A 157 -23.11 14.05 3.19
CA GLU A 157 -22.08 13.01 3.14
C GLU A 157 -21.51 12.84 1.73
N ASP A 158 -22.41 12.83 0.75
CA ASP A 158 -22.04 12.64 -0.65
C ASP A 158 -21.27 13.85 -1.19
N SER A 159 -21.94 15.00 -1.17
CA SER A 159 -21.41 16.20 -1.81
C SER A 159 -20.61 17.06 -0.84
N ALA A 160 -19.66 16.41 -0.15
CA ALA A 160 -18.85 17.07 0.89
C ALA A 160 -17.88 18.13 0.34
N GLU A 161 -17.34 17.89 -0.85
CA GLU A 161 -16.43 18.84 -1.50
C GLU A 161 -17.10 19.62 -2.65
N ILE A 162 -18.29 19.15 -3.05
CA ILE A 162 -19.10 19.82 -4.07
C ILE A 162 -19.72 21.09 -3.49
N LEU A 163 -20.22 21.00 -2.26
CA LEU A 163 -20.81 22.14 -1.56
C LEU A 163 -19.74 23.16 -1.14
N ASP A 164 -18.56 22.65 -0.79
CA ASP A 164 -17.43 23.50 -0.43
C ASP A 164 -16.73 24.01 -1.70
N SER A 165 -17.14 23.47 -2.84
CA SER A 165 -16.72 23.99 -4.12
C SER A 165 -17.53 25.25 -4.44
N ASP A 166 -17.31 25.80 -5.63
CA ASP A 166 -17.90 27.06 -6.05
C ASP A 166 -19.27 26.83 -6.68
N VAL A 167 -19.55 25.57 -7.02
CA VAL A 167 -20.77 25.15 -7.72
C VAL A 167 -22.02 25.72 -7.05
N LEU A 168 -22.07 25.63 -5.72
CA LEU A 168 -23.21 26.11 -4.93
C LEU A 168 -22.88 27.42 -4.19
N ASP A 169 -21.88 28.15 -4.69
CA ASP A 169 -21.33 29.37 -4.06
C ASP A 169 -20.98 29.20 -2.57
N ARG A 170 -20.77 27.95 -2.16
CA ARG A 170 -20.57 27.55 -0.75
C ARG A 170 -21.71 28.00 0.16
N PRO A 171 -22.73 27.15 0.32
CA PRO A 171 -23.81 27.49 1.23
C PRO A 171 -23.53 26.99 2.64
N LEU A 172 -22.27 26.62 2.89
CA LEU A 172 -21.85 26.04 4.17
C LEU A 172 -21.83 27.06 5.31
N ASN A 173 -21.47 28.30 5.00
CA ASN A 173 -21.46 29.39 5.99
C ASN A 173 -22.76 29.49 6.79
N ILE A 174 -23.90 29.44 6.09
CA ILE A 174 -25.23 29.50 6.74
C ILE A 174 -25.58 28.19 7.44
N MET A 175 -24.84 27.13 7.14
CA MET A 175 -25.19 25.80 7.61
C MET A 175 -24.30 25.28 8.72
N ILE A 176 -23.09 25.80 8.83
CA ILE A 176 -22.19 25.32 9.88
C ILE A 176 -22.72 25.65 11.28
N PRO A 177 -23.01 26.93 11.57
CA PRO A 177 -23.62 27.23 12.85
C PRO A 177 -25.01 26.62 12.97
N LYS A 178 -25.79 26.65 11.87
CA LYS A 178 -27.15 26.09 11.82
C LYS A 178 -27.16 24.62 12.26
N PHE A 179 -26.24 23.84 11.70
CA PHE A 179 -26.05 22.43 12.07
C PHE A 179 -25.49 22.31 13.49
N LEU A 180 -24.57 23.22 13.83
CA LEU A 180 -23.84 23.19 15.10
C LEU A 180 -24.74 23.62 16.25
N GLN A 181 -25.89 24.19 15.92
CA GLN A 181 -26.80 24.68 16.94
C GLN A 181 -27.63 23.53 17.50
N PHE A 182 -28.12 22.67 16.61
CA PHE A 182 -28.91 21.50 17.03
C PHE A 182 -28.10 20.47 17.82
N PHE A 183 -26.95 20.90 18.33
CA PHE A 183 -26.03 20.06 19.10
C PHE A 183 -26.40 19.97 20.58
N LYS A 184 -27.52 20.59 20.94
CA LYS A 184 -28.06 20.51 22.30
C LYS A 184 -29.54 20.18 22.27
N HIS A 185 -30.03 19.85 21.07
CA HIS A 185 -31.45 19.62 20.85
C HIS A 185 -31.99 18.39 21.57
N SER A 186 -33.14 18.60 22.21
CA SER A 186 -33.75 17.63 23.11
C SER A 186 -33.87 16.22 22.53
N SER A 187 -34.16 16.12 21.23
CA SER A 187 -34.24 14.81 20.59
C SER A 187 -32.85 14.24 20.33
N PRO A 188 -32.66 12.95 20.71
CA PRO A 188 -31.38 12.28 20.52
C PRO A 188 -31.05 12.05 19.05
N LYS A 189 -32.03 11.55 18.29
CA LYS A 189 -31.89 11.34 16.85
C LYS A 189 -31.30 12.56 16.17
N ILE A 190 -31.91 13.73 16.41
CA ILE A 190 -31.50 14.95 15.75
C ILE A 190 -30.11 15.41 16.13
N ARG A 191 -29.79 15.37 17.42
CA ARG A 191 -28.42 15.66 17.87
C ARG A 191 -27.41 14.88 17.04
N SER A 192 -27.71 13.60 16.80
CA SER A 192 -26.88 12.75 15.96
C SER A 192 -26.84 13.25 14.51
N HIS A 193 -28.02 13.40 13.88
CA HIS A 193 -28.13 13.97 12.53
C HIS A 193 -27.26 15.21 12.40
N ALA A 194 -27.23 16.03 13.45
CA ALA A 194 -26.46 17.28 13.44
C ALA A 194 -24.96 17.01 13.43
N VAL A 195 -24.48 16.25 14.40
CA VAL A 195 -23.05 15.99 14.52
C VAL A 195 -22.50 15.20 13.33
N ALA A 196 -23.35 14.35 12.75
CA ALA A 196 -23.00 13.61 11.55
C ALA A 196 -22.63 14.57 10.43
N CYS A 197 -23.51 15.54 10.18
CA CYS A 197 -23.28 16.56 9.16
C CYS A 197 -22.00 17.35 9.38
N VAL A 198 -21.85 17.94 10.57
CA VAL A 198 -20.69 18.79 10.88
C VAL A 198 -19.38 17.99 10.90
N ASN A 199 -19.47 16.66 10.79
CA ASN A 199 -18.27 15.83 10.76
C ASN A 199 -17.52 15.84 9.44
N GLN A 200 -18.26 15.75 8.34
CA GLN A 200 -17.72 15.78 6.98
C GLN A 200 -16.63 16.82 6.75
N PHE A 201 -16.66 17.87 7.54
CA PHE A 201 -15.91 19.07 7.23
C PHE A 201 -14.75 19.30 8.18
N ILE A 202 -14.37 18.22 8.85
CA ILE A 202 -13.25 18.23 9.78
C ILE A 202 -11.94 18.00 9.04
N ILE A 203 -11.93 16.99 8.16
CA ILE A 203 -10.73 16.57 7.42
C ILE A 203 -10.47 17.46 6.21
N SER A 204 -11.51 17.67 5.40
CA SER A 204 -11.49 18.67 4.34
C SER A 204 -11.25 20.06 4.95
N ARG A 205 -10.81 20.07 6.22
CA ARG A 205 -10.52 21.27 7.02
C ARG A 205 -11.12 22.55 6.48
N THR A 206 -12.46 22.54 6.45
CA THR A 206 -13.25 23.53 5.75
C THR A 206 -13.21 24.89 6.43
N GLN A 207 -13.30 25.95 5.63
CA GLN A 207 -13.25 27.31 6.14
C GLN A 207 -14.51 27.71 6.92
N ALA A 208 -15.68 27.38 6.37
CA ALA A 208 -16.97 27.69 7.00
C ALA A 208 -17.08 27.14 8.42
N LEU A 209 -16.28 26.12 8.72
CA LEU A 209 -16.20 25.51 10.05
C LEU A 209 -15.07 26.10 10.87
N MET A 210 -13.91 26.31 10.24
CA MET A 210 -12.72 26.88 10.90
C MET A 210 -13.04 28.17 11.65
N LEU A 211 -14.23 28.69 11.39
CA LEU A 211 -14.78 29.86 12.05
C LEU A 211 -15.39 29.45 13.38
N HIS A 212 -16.15 28.35 13.34
CA HIS A 212 -16.86 27.84 14.51
C HIS A 212 -16.03 26.75 15.21
N ILE A 213 -14.74 26.73 14.90
CA ILE A 213 -13.80 25.74 15.44
C ILE A 213 -13.48 25.98 16.94
N ASP A 214 -14.49 26.40 17.70
CA ASP A 214 -14.34 26.63 19.13
C ASP A 214 -15.63 26.36 19.85
N SER A 215 -16.73 26.76 19.21
CA SER A 215 -18.06 26.40 19.65
C SER A 215 -18.37 24.98 19.20
N PHE A 216 -17.65 24.50 18.18
CA PHE A 216 -17.76 23.11 17.78
C PHE A 216 -17.03 22.23 18.78
N ILE A 217 -15.80 22.60 19.11
CA ILE A 217 -14.98 21.85 20.06
C ILE A 217 -15.70 21.76 21.40
N GLU A 218 -16.19 22.90 21.88
CA GLU A 218 -16.89 22.98 23.16
C GLU A 218 -18.25 22.30 23.13
N ASN A 219 -19.01 22.53 22.06
CA ASN A 219 -20.33 21.94 21.88
C ASN A 219 -20.25 20.44 21.74
N LEU A 220 -19.04 19.95 21.50
CA LEU A 220 -18.79 18.51 21.41
C LEU A 220 -18.69 17.92 22.79
N PHE A 221 -17.81 18.47 23.62
CA PHE A 221 -17.65 18.03 25.01
C PHE A 221 -18.98 17.93 25.71
N ALA A 222 -19.87 18.88 25.38
CA ALA A 222 -21.22 18.98 25.95
C ALA A 222 -22.02 17.71 25.71
N LEU A 223 -21.51 16.84 24.83
CA LEU A 223 -22.18 15.61 24.50
C LEU A 223 -21.35 14.39 24.90
N ALA A 224 -20.19 14.65 25.51
CA ALA A 224 -19.29 13.61 26.01
C ALA A 224 -20.05 12.48 26.70
N GLY A 225 -20.73 12.82 27.79
CA GLY A 225 -21.45 11.82 28.56
C GLY A 225 -22.84 11.48 28.07
N ASP A 226 -23.06 11.52 26.75
CA ASP A 226 -24.37 11.13 26.22
C ASP A 226 -24.48 9.61 26.21
N GLU A 227 -25.63 9.11 26.66
CA GLU A 227 -25.84 7.68 26.77
C GLU A 227 -26.16 7.02 25.42
N GLU A 228 -26.79 7.79 24.53
CA GLU A 228 -27.07 7.30 23.17
C GLU A 228 -25.78 7.02 22.40
N PRO A 229 -25.54 5.73 22.09
CA PRO A 229 -24.38 5.31 21.30
C PRO A 229 -24.20 6.14 20.02
N GLU A 230 -25.24 6.20 19.18
CA GLU A 230 -25.17 6.90 17.90
C GLU A 230 -24.43 8.23 18.04
N VAL A 231 -24.74 8.96 19.11
CA VAL A 231 -24.11 10.26 19.39
C VAL A 231 -22.67 10.08 19.84
N ARG A 232 -22.48 9.26 20.87
CA ARG A 232 -21.16 9.04 21.44
C ARG A 232 -20.22 8.52 20.36
N LYS A 233 -20.79 7.80 19.39
CA LYS A 233 -20.08 7.40 18.19
C LYS A 233 -19.49 8.64 17.54
N ASN A 234 -20.39 9.49 17.05
CA ASN A 234 -20.02 10.69 16.31
C ASN A 234 -19.07 11.60 17.06
N VAL A 235 -19.32 11.78 18.34
CA VAL A 235 -18.42 12.54 19.20
C VAL A 235 -17.00 12.00 19.04
N CYS A 236 -16.87 10.68 19.02
CA CYS A 236 -15.56 10.05 18.90
C CYS A 236 -14.92 10.23 17.54
N ARG A 237 -15.70 10.02 16.49
CA ARG A 237 -15.21 10.26 15.14
C ARG A 237 -14.61 11.66 15.06
N ALA A 238 -15.45 12.66 15.34
CA ALA A 238 -15.04 14.05 15.30
C ALA A 238 -13.87 14.28 16.24
N LEU A 239 -13.92 13.62 17.39
CA LEU A 239 -12.88 13.76 18.39
C LEU A 239 -11.56 13.20 17.88
N VAL A 240 -11.64 12.04 17.23
CA VAL A 240 -10.47 11.40 16.63
C VAL A 240 -9.93 12.28 15.50
N MET A 241 -10.80 12.58 14.54
CA MET A 241 -10.46 13.39 13.36
C MET A 241 -9.70 14.65 13.74
N LEU A 242 -10.27 15.39 14.69
CA LEU A 242 -9.68 16.63 15.20
C LEU A 242 -8.22 16.50 15.58
N LEU A 243 -7.78 15.28 15.81
CA LEU A 243 -6.41 15.02 16.26
C LEU A 243 -5.40 15.21 15.13
N GLU A 244 -5.81 14.90 13.89
CA GLU A 244 -4.95 15.15 12.72
C GLU A 244 -4.94 16.63 12.35
N VAL A 245 -6.13 17.20 12.24
CA VAL A 245 -6.34 18.58 11.82
C VAL A 245 -5.84 19.59 12.88
N ARG A 246 -6.77 20.20 13.63
CA ARG A 246 -6.45 21.24 14.60
C ARG A 246 -6.08 20.67 15.96
N MET A 247 -4.92 20.01 16.01
CA MET A 247 -4.41 19.37 17.22
C MET A 247 -4.20 20.38 18.34
N ASP A 248 -3.83 21.61 17.97
CA ASP A 248 -3.62 22.71 18.91
C ASP A 248 -4.84 23.02 19.77
N ARG A 249 -6.02 22.86 19.17
CA ARG A 249 -7.31 23.12 19.82
C ARG A 249 -7.75 22.02 20.78
N LEU A 250 -6.87 21.04 20.97
CA LEU A 250 -7.16 19.89 21.80
C LEU A 250 -6.05 19.69 22.83
N LEU A 251 -4.85 20.13 22.48
CA LEU A 251 -3.69 20.02 23.36
C LEU A 251 -4.05 20.34 24.81
N PRO A 252 -4.75 21.48 25.06
CA PRO A 252 -5.13 21.77 26.45
C PRO A 252 -5.98 20.69 27.12
N HIS A 253 -7.09 20.32 26.49
CA HIS A 253 -8.08 19.45 27.13
C HIS A 253 -7.76 17.95 26.97
N MET A 254 -6.61 17.64 26.39
CA MET A 254 -6.29 16.29 25.92
C MET A 254 -6.33 15.17 26.98
N HIS A 255 -5.86 15.46 28.18
CA HIS A 255 -5.86 14.47 29.27
C HIS A 255 -7.25 14.00 29.65
N ASN A 256 -8.22 14.92 29.63
CA ASN A 256 -9.63 14.58 29.85
C ASN A 256 -10.12 13.63 28.79
N ILE A 257 -9.53 13.73 27.61
CA ILE A 257 -9.98 12.97 26.45
C ILE A 257 -9.34 11.59 26.43
N VAL A 258 -8.02 11.52 26.59
CA VAL A 258 -7.29 10.25 26.62
C VAL A 258 -7.81 9.32 27.70
N GLU A 259 -8.52 9.90 28.66
CA GLU A 259 -9.21 9.14 29.69
C GLU A 259 -10.59 8.77 29.18
N TYR A 260 -11.29 9.75 28.61
CA TYR A 260 -12.60 9.55 28.04
C TYR A 260 -12.56 8.49 26.95
N MET A 261 -11.52 8.55 26.12
CA MET A 261 -11.34 7.58 25.05
C MET A 261 -10.99 6.22 25.61
N LEU A 262 -10.11 6.18 26.61
CA LEU A 262 -9.71 4.91 27.25
C LEU A 262 -10.95 4.17 27.76
N GLN A 263 -11.87 4.92 28.36
CA GLN A 263 -13.14 4.39 28.79
C GLN A 263 -13.94 3.98 27.54
N ARG A 264 -14.12 4.91 26.62
CA ARG A 264 -14.85 4.67 25.38
C ARG A 264 -14.44 3.39 24.65
N THR A 265 -13.17 3.03 24.77
CA THR A 265 -12.63 1.80 24.20
C THR A 265 -13.42 0.59 24.71
N GLN A 266 -13.87 0.66 25.96
CA GLN A 266 -14.63 -0.45 26.56
C GLN A 266 -16.13 -0.32 26.38
N ASP A 267 -16.59 0.79 25.81
CA ASP A 267 -18.03 1.09 25.70
C ASP A 267 -18.89 -0.11 25.33
N GLN A 268 -20.06 -0.19 25.96
CA GLN A 268 -21.07 -1.23 25.71
C GLN A 268 -21.25 -1.58 24.22
N ASP A 269 -21.39 -0.55 23.39
CA ASP A 269 -21.57 -0.70 21.94
C ASP A 269 -20.23 -0.91 21.23
N GLU A 270 -20.18 -1.94 20.38
CA GLU A 270 -18.96 -2.33 19.66
C GLU A 270 -18.44 -1.22 18.78
N ASN A 271 -19.37 -0.51 18.13
CA ASN A 271 -19.02 0.57 17.20
C ASN A 271 -18.28 1.68 17.91
N VAL A 272 -18.84 2.12 19.04
CA VAL A 272 -18.18 3.13 19.88
C VAL A 272 -16.81 2.61 20.31
N ALA A 273 -16.76 1.38 20.81
CA ALA A 273 -15.51 0.73 21.20
C ALA A 273 -14.52 0.77 20.05
N LEU A 274 -15.02 0.48 18.85
CA LEU A 274 -14.21 0.41 17.64
C LEU A 274 -13.67 1.78 17.26
N GLU A 275 -14.55 2.78 17.28
CA GLU A 275 -14.22 4.14 16.84
C GLU A 275 -13.28 4.82 17.82
N ALA A 276 -13.47 4.52 19.09
CA ALA A 276 -12.64 5.04 20.16
C ALA A 276 -11.27 4.38 20.10
N CYS A 277 -11.22 3.25 19.43
CA CYS A 277 -9.97 2.55 19.22
C CYS A 277 -9.15 3.23 18.12
N GLU A 278 -9.79 3.48 16.98
CA GLU A 278 -9.20 4.25 15.87
C GLU A 278 -8.42 5.48 16.36
N PHE A 279 -8.79 5.96 17.55
CA PHE A 279 -8.15 7.11 18.20
C PHE A 279 -6.72 6.83 18.62
N TRP A 280 -6.49 5.61 19.13
CA TRP A 280 -5.17 5.26 19.63
C TRP A 280 -4.14 5.20 18.52
N LEU A 281 -4.61 4.85 17.34
CA LEU A 281 -3.76 4.84 16.16
C LEU A 281 -3.33 6.27 15.82
N THR A 282 -4.34 7.10 15.55
CA THR A 282 -4.14 8.47 15.13
C THR A 282 -3.32 9.24 16.16
N LEU A 283 -3.61 9.01 17.43
CA LEU A 283 -2.85 9.63 18.50
C LEU A 283 -1.38 9.21 18.37
N ALA A 284 -1.14 7.91 18.21
CA ALA A 284 0.23 7.36 18.19
C ALA A 284 1.11 7.89 17.07
N GLU A 285 0.68 8.98 16.44
CA GLU A 285 1.46 9.63 15.38
C GLU A 285 2.42 10.69 15.93
N GLN A 286 1.97 11.93 16.01
CA GLN A 286 2.76 13.06 16.49
C GLN A 286 3.60 12.71 17.74
N PRO A 287 4.88 13.10 17.75
CA PRO A 287 5.84 12.72 18.80
C PRO A 287 5.43 13.17 20.22
N ILE A 288 4.30 13.87 20.32
CA ILE A 288 3.68 14.25 21.60
C ILE A 288 3.45 13.02 22.48
N CYS A 289 3.00 11.92 21.85
CA CYS A 289 2.72 10.63 22.49
C CYS A 289 3.72 10.18 23.56
N LYS A 290 5.00 10.12 23.19
CA LYS A 290 6.06 9.69 24.09
C LYS A 290 6.04 10.47 25.42
N ASP A 291 5.50 11.68 25.38
CA ASP A 291 5.50 12.57 26.54
C ASP A 291 4.14 12.67 27.25
N VAL A 292 3.15 11.92 26.78
CA VAL A 292 1.82 11.96 27.40
C VAL A 292 1.29 10.60 27.85
N LEU A 293 1.28 9.63 26.94
CA LEU A 293 0.69 8.31 27.23
C LEU A 293 1.61 7.45 28.07
N VAL A 294 2.88 7.87 28.19
CA VAL A 294 3.83 7.25 29.11
C VAL A 294 3.17 6.81 30.40
N ARG A 295 2.29 7.66 30.94
CA ARG A 295 1.62 7.40 32.21
C ARG A 295 0.39 6.48 32.10
N HIS A 296 -0.44 6.72 31.09
CA HIS A 296 -1.65 5.93 30.87
C HIS A 296 -1.35 4.48 30.55
N LEU A 297 -0.10 4.24 30.13
CA LEU A 297 0.39 2.96 29.64
C LEU A 297 -0.19 1.70 30.32
N PRO A 298 0.10 1.49 31.63
CA PRO A 298 -0.27 0.20 32.23
C PRO A 298 -1.79 0.01 32.35
N LYS A 299 -2.52 1.10 32.12
CA LYS A 299 -3.98 1.09 32.16
C LYS A 299 -4.54 0.67 30.81
N LEU A 300 -3.94 1.20 29.74
CA LEU A 300 -4.46 1.02 28.39
C LEU A 300 -4.04 -0.29 27.76
N ILE A 301 -2.77 -0.63 27.88
CA ILE A 301 -2.24 -1.86 27.27
C ILE A 301 -3.15 -3.08 27.46
N PRO A 302 -3.58 -3.36 28.71
CA PRO A 302 -4.42 -4.55 28.90
C PRO A 302 -5.80 -4.35 28.28
N VAL A 303 -6.37 -3.17 28.48
CA VAL A 303 -7.62 -2.77 27.87
C VAL A 303 -7.56 -2.94 26.36
N LEU A 304 -6.34 -2.97 25.83
CA LEU A 304 -6.10 -3.15 24.40
C LEU A 304 -6.08 -4.64 24.07
N VAL A 305 -5.12 -5.34 24.67
CA VAL A 305 -4.96 -6.79 24.53
C VAL A 305 -6.28 -7.54 24.76
N ASN A 306 -7.06 -7.08 25.74
CA ASN A 306 -8.34 -7.71 26.06
C ASN A 306 -9.35 -7.64 24.91
N GLY A 307 -9.03 -6.83 23.91
CA GLY A 307 -9.87 -6.67 22.72
C GLY A 307 -9.35 -7.45 21.53
N MET A 308 -8.09 -7.88 21.64
CA MET A 308 -7.41 -8.60 20.56
C MET A 308 -7.74 -10.08 20.51
N LYS A 309 -8.55 -10.54 21.46
CA LYS A 309 -9.09 -11.89 21.40
C LYS A 309 -10.16 -11.86 20.33
N TYR A 310 -10.32 -12.97 19.63
CA TYR A 310 -11.43 -13.09 18.69
C TYR A 310 -12.76 -12.89 19.42
N SER A 311 -13.70 -12.23 18.77
CA SER A 311 -15.05 -12.14 19.28
C SER A 311 -15.68 -13.52 19.15
N ASP A 312 -16.80 -13.71 19.82
CA ASP A 312 -17.48 -14.97 19.76
C ASP A 312 -18.01 -15.25 18.35
N ILE A 313 -18.76 -14.30 17.82
CA ILE A 313 -19.29 -14.43 16.46
C ILE A 313 -18.16 -14.55 15.43
N ASP A 314 -17.02 -13.93 15.74
CA ASP A 314 -15.83 -14.04 14.90
C ASP A 314 -15.48 -15.50 14.65
N ILE A 315 -15.44 -16.29 15.73
CA ILE A 315 -15.08 -17.70 15.67
C ILE A 315 -16.04 -18.45 14.76
N ILE A 316 -17.32 -18.13 14.86
CA ILE A 316 -18.38 -18.83 14.15
C ILE A 316 -18.29 -18.65 12.64
N LEU A 317 -18.04 -17.42 12.19
CA LEU A 317 -17.93 -17.12 10.77
C LEU A 317 -16.68 -17.75 10.12
N LEU A 318 -15.90 -18.47 10.92
CA LEU A 318 -14.70 -19.19 10.47
C LEU A 318 -14.71 -20.66 10.92
N LYS A 319 -14.29 -20.92 12.16
CA LYS A 319 -14.18 -22.28 12.72
C LYS A 319 -15.03 -22.49 13.97
N ASP A 366 -17.95 -19.79 -0.25
CA ASP A 366 -17.28 -18.51 -0.51
C ASP A 366 -15.86 -18.41 0.06
N ASP A 367 -15.26 -17.23 -0.11
CA ASP A 367 -14.07 -16.80 0.62
C ASP A 367 -14.56 -16.36 2.02
N ASP A 368 -14.74 -17.36 2.91
CA ASP A 368 -15.42 -17.18 4.20
C ASP A 368 -14.70 -16.23 5.18
N THR A 369 -15.09 -14.96 5.13
CA THR A 369 -14.37 -13.92 5.84
C THR A 369 -15.22 -13.09 6.83
N ILE A 370 -14.51 -12.51 7.79
CA ILE A 370 -15.02 -11.55 8.73
C ILE A 370 -14.82 -10.17 8.09
N SER A 371 -15.33 -9.12 8.74
CA SER A 371 -15.11 -7.77 8.25
C SER A 371 -13.62 -7.49 8.03
N ASP A 372 -13.35 -6.65 7.02
CA ASP A 372 -11.98 -6.23 6.71
C ASP A 372 -11.41 -5.40 7.83
N TRP A 373 -12.29 -4.77 8.60
CA TRP A 373 -11.88 -3.95 9.73
C TRP A 373 -12.64 -4.32 10.98
N ASN A 374 -11.99 -5.13 11.81
CA ASN A 374 -12.54 -5.65 13.05
C ASN A 374 -12.29 -4.66 14.18
N LEU A 375 -12.64 -5.01 15.41
CA LEU A 375 -12.13 -4.29 16.55
C LEU A 375 -10.80 -4.91 16.95
N ARG A 376 -10.79 -6.24 17.06
CA ARG A 376 -9.56 -7.01 17.26
C ARG A 376 -8.45 -6.46 16.38
N LYS A 377 -8.77 -6.21 15.10
CA LYS A 377 -7.80 -5.70 14.16
C LYS A 377 -7.34 -4.33 14.59
N CYS A 378 -8.29 -3.48 14.94
CA CYS A 378 -7.95 -2.12 15.36
C CYS A 378 -7.03 -2.11 16.58
N SER A 379 -7.35 -2.98 17.55
CA SER A 379 -6.55 -3.10 18.76
C SER A 379 -5.14 -3.51 18.40
N ALA A 380 -5.02 -4.64 17.70
CA ALA A 380 -3.73 -5.18 17.27
C ALA A 380 -2.92 -4.15 16.51
N ALA A 381 -3.59 -3.47 15.58
CA ALA A 381 -2.97 -2.43 14.80
C ALA A 381 -2.29 -1.43 15.72
N ALA A 382 -3.06 -0.87 16.64
CA ALA A 382 -2.61 0.17 17.56
C ALA A 382 -1.41 -0.32 18.34
N LEU A 383 -1.55 -1.49 18.94
CA LEU A 383 -0.50 -2.08 19.76
C LEU A 383 0.83 -2.20 19.00
N ASP A 384 0.76 -2.59 17.74
CA ASP A 384 1.94 -2.67 16.89
C ASP A 384 2.62 -1.31 16.88
N VAL A 385 1.86 -0.29 16.45
CA VAL A 385 2.36 1.07 16.37
C VAL A 385 2.98 1.43 17.71
N LEU A 386 2.22 1.24 18.78
CA LEU A 386 2.69 1.52 20.13
C LEU A 386 4.03 0.85 20.41
N ALA A 387 4.11 -0.45 20.13
CA ALA A 387 5.36 -1.19 20.31
C ALA A 387 6.55 -0.43 19.73
N ASN A 388 6.33 0.23 18.60
CA ASN A 388 7.37 0.98 17.90
C ASN A 388 7.76 2.25 18.63
N VAL A 389 6.79 2.90 19.27
CA VAL A 389 7.00 4.19 19.91
C VAL A 389 7.84 4.07 21.19
N TYR A 390 7.60 3.01 21.95
CA TYR A 390 8.21 2.87 23.26
C TYR A 390 9.28 1.78 23.35
N ARG A 391 9.59 1.16 22.22
CA ARG A 391 10.67 0.16 22.11
C ARG A 391 10.74 -0.82 23.30
N ASP A 392 11.95 -1.05 23.81
CA ASP A 392 12.19 -1.98 24.91
C ASP A 392 11.66 -1.44 26.23
N GLU A 393 11.45 -0.12 26.24
CA GLU A 393 10.86 0.56 27.38
C GLU A 393 9.35 0.42 27.29
N LEU A 394 8.89 -0.82 27.13
CA LEU A 394 7.47 -1.14 27.04
C LEU A 394 7.20 -2.52 27.60
N LEU A 395 8.17 -3.42 27.48
CA LEU A 395 8.08 -4.81 27.96
C LEU A 395 7.43 -4.96 29.35
N PRO A 396 7.95 -4.26 30.39
CA PRO A 396 7.33 -4.38 31.72
C PRO A 396 5.80 -4.21 31.75
N HIS A 397 5.27 -3.34 30.89
CA HIS A 397 3.84 -3.04 30.85
C HIS A 397 3.01 -4.06 30.06
N ILE A 398 3.67 -5.07 29.50
CA ILE A 398 2.98 -6.03 28.64
C ILE A 398 3.40 -7.49 28.91
N LEU A 399 4.70 -7.73 28.84
CA LEU A 399 5.33 -9.02 29.14
C LEU A 399 4.60 -9.87 30.21
N PRO A 400 4.31 -9.28 31.40
CA PRO A 400 3.54 -10.01 32.42
C PRO A 400 2.27 -10.66 31.89
N LEU A 401 1.47 -9.92 31.14
CA LEU A 401 0.25 -10.47 30.53
C LEU A 401 0.59 -11.70 29.72
N LEU A 402 1.58 -11.58 28.84
CA LEU A 402 1.97 -12.68 27.97
C LEU A 402 2.19 -13.98 28.73
N LYS A 403 2.92 -13.91 29.85
CA LYS A 403 3.08 -15.10 30.70
C LYS A 403 1.72 -15.74 30.95
N GLU A 404 0.78 -14.92 31.42
CA GLU A 404 -0.56 -15.37 31.81
C GLU A 404 -1.44 -15.70 30.60
N LEU A 405 -1.01 -15.27 29.41
CA LEU A 405 -1.77 -15.46 28.17
C LEU A 405 -1.32 -16.67 27.33
N LEU A 406 -0.01 -16.79 27.11
CA LEU A 406 0.54 -17.69 26.10
C LEU A 406 0.37 -19.18 26.38
N PHE A 407 0.40 -19.55 27.65
CA PHE A 407 0.37 -20.96 28.03
C PHE A 407 -0.99 -21.34 28.62
N HIS A 408 -1.98 -20.49 28.38
CA HIS A 408 -3.32 -20.67 28.93
C HIS A 408 -4.05 -21.86 28.31
N HIS A 409 -5.11 -22.32 28.99
CA HIS A 409 -5.82 -23.53 28.62
C HIS A 409 -6.74 -23.35 27.41
N GLU A 410 -7.71 -22.45 27.51
CA GLU A 410 -8.60 -22.11 26.40
C GLU A 410 -7.77 -21.55 25.26
N TRP A 411 -8.00 -22.08 24.06
CA TRP A 411 -7.21 -21.71 22.89
C TRP A 411 -7.41 -20.25 22.51
N VAL A 412 -8.64 -19.78 22.62
CA VAL A 412 -8.99 -18.41 22.26
C VAL A 412 -8.07 -17.41 22.96
N VAL A 413 -7.66 -17.75 24.18
CA VAL A 413 -6.74 -16.90 24.91
C VAL A 413 -5.32 -17.04 24.35
N LYS A 414 -4.87 -18.29 24.17
CA LYS A 414 -3.60 -18.58 23.51
C LYS A 414 -3.48 -17.74 22.25
N GLU A 415 -4.39 -17.98 21.30
CA GLU A 415 -4.35 -17.35 19.98
C GLU A 415 -4.05 -15.86 20.10
N SER A 416 -4.79 -15.17 20.94
CA SER A 416 -4.61 -13.73 21.11
C SER A 416 -3.24 -13.40 21.67
N GLY A 417 -2.78 -14.20 22.63
CA GLY A 417 -1.43 -14.04 23.20
C GLY A 417 -0.37 -14.21 22.13
N ILE A 418 -0.47 -15.31 21.39
CA ILE A 418 0.32 -15.54 20.18
C ILE A 418 0.34 -14.30 19.29
N LEU A 419 -0.85 -13.77 18.99
CA LEU A 419 -0.98 -12.60 18.12
C LEU A 419 -0.22 -11.41 18.69
N VAL A 420 -0.39 -11.17 19.99
CA VAL A 420 0.27 -10.06 20.67
C VAL A 420 1.77 -10.21 20.52
N LEU A 421 2.25 -11.40 20.85
CA LEU A 421 3.65 -11.74 20.74
C LEU A 421 4.23 -11.25 19.41
N GLY A 422 3.62 -11.66 18.30
CA GLY A 422 4.07 -11.22 16.98
C GLY A 422 3.82 -9.74 16.71
N ALA A 423 2.71 -9.23 17.24
CA ALA A 423 2.30 -7.85 16.95
C ALA A 423 3.28 -6.82 17.47
N ILE A 424 3.92 -7.13 18.60
CA ILE A 424 4.88 -6.22 19.19
C ILE A 424 6.28 -6.45 18.67
N ALA A 425 6.45 -7.49 17.87
CA ALA A 425 7.75 -7.96 17.41
C ALA A 425 8.79 -6.87 17.10
N GLU A 426 8.54 -6.11 16.03
CA GLU A 426 9.50 -5.16 15.48
C GLU A 426 9.80 -3.99 16.41
N GLY A 427 8.83 -3.61 17.24
CA GLY A 427 9.01 -2.48 18.14
C GLY A 427 9.82 -2.83 19.37
N CYS A 428 9.67 -4.06 19.85
CA CYS A 428 10.28 -4.50 21.09
C CYS A 428 11.26 -5.64 20.86
N MET A 429 12.01 -5.55 19.76
CA MET A 429 12.91 -6.62 19.34
C MET A 429 14.10 -6.80 20.26
N GLN A 430 14.85 -5.73 20.50
CA GLN A 430 16.06 -5.81 21.32
C GLN A 430 15.70 -6.47 22.62
N GLY A 431 14.65 -5.95 23.25
CA GLY A 431 14.18 -6.45 24.53
C GLY A 431 13.38 -7.73 24.44
N MET A 432 13.27 -8.31 23.26
CA MET A 432 12.58 -9.58 23.11
C MET A 432 13.52 -10.76 23.01
N ILE A 433 14.76 -10.50 22.61
CA ILE A 433 15.76 -11.55 22.44
C ILE A 433 15.86 -12.51 23.65
N PRO A 434 15.96 -11.96 24.89
CA PRO A 434 16.13 -12.83 26.06
C PRO A 434 15.11 -13.96 26.16
N TYR A 435 13.86 -13.68 25.80
CA TYR A 435 12.78 -14.64 25.97
C TYR A 435 12.47 -15.40 24.68
N LEU A 436 13.31 -15.23 23.67
CA LEU A 436 13.12 -15.97 22.41
C LEU A 436 13.61 -17.41 22.49
N PRO A 437 14.82 -17.64 23.08
CA PRO A 437 15.48 -18.94 22.98
C PRO A 437 14.59 -20.14 23.31
N GLU A 438 13.69 -19.98 24.28
CA GLU A 438 12.81 -21.08 24.66
C GLU A 438 11.37 -20.88 24.21
N LEU A 439 11.04 -19.64 23.85
CA LEU A 439 9.71 -19.28 23.41
C LEU A 439 9.43 -19.77 21.98
N ILE A 440 10.45 -19.66 21.12
CA ILE A 440 10.37 -20.14 19.75
C ILE A 440 9.99 -21.63 19.71
N PRO A 441 10.80 -22.50 20.35
CA PRO A 441 10.49 -23.93 20.33
C PRO A 441 9.07 -24.21 20.79
N HIS A 442 8.50 -23.30 21.56
CA HIS A 442 7.12 -23.42 21.99
C HIS A 442 6.18 -23.20 20.81
N LEU A 443 6.34 -22.08 20.13
CA LEU A 443 5.55 -21.77 18.96
C LEU A 443 5.60 -22.89 17.95
N ILE A 444 6.77 -23.52 17.86
CA ILE A 444 6.98 -24.62 16.93
C ILE A 444 6.15 -25.83 17.34
N GLN A 445 5.90 -25.97 18.64
CA GLN A 445 4.90 -26.93 19.07
C GLN A 445 3.55 -26.44 18.59
N CYS A 446 3.27 -25.16 18.83
CA CYS A 446 1.98 -24.57 18.51
C CYS A 446 1.59 -24.69 17.04
N LEU A 447 2.56 -24.99 16.19
CA LEU A 447 2.26 -25.25 14.78
C LEU A 447 1.63 -26.63 14.64
N SER A 448 1.00 -27.10 15.71
CA SER A 448 0.29 -28.38 15.72
C SER A 448 -1.08 -28.27 16.37
N ASP A 449 -1.25 -27.29 17.25
CA ASP A 449 -2.47 -27.15 18.04
C ASP A 449 -3.74 -27.41 17.22
N LYS A 450 -4.45 -28.47 17.61
CA LYS A 450 -5.64 -28.97 16.90
C LYS A 450 -6.46 -27.90 16.19
N LYS A 451 -6.95 -26.91 16.94
CA LYS A 451 -7.80 -25.86 16.38
C LYS A 451 -7.05 -25.04 15.35
N ALA A 452 -7.64 -24.94 14.17
CA ALA A 452 -6.96 -24.42 12.98
C ALA A 452 -6.39 -23.02 13.17
N LEU A 453 -7.18 -22.13 13.77
CA LEU A 453 -6.84 -20.72 13.92
C LEU A 453 -5.60 -20.49 14.77
N VAL A 454 -5.19 -21.51 15.50
CA VAL A 454 -4.02 -21.39 16.36
C VAL A 454 -2.74 -21.62 15.56
N ARG A 455 -2.72 -22.70 14.78
CA ARG A 455 -1.61 -22.99 13.87
C ARG A 455 -1.46 -21.86 12.86
N SER A 456 -2.59 -21.49 12.26
CA SER A 456 -2.75 -20.28 11.50
C SER A 456 -1.91 -19.12 12.06
N ILE A 457 -2.33 -18.52 13.16
CA ILE A 457 -1.62 -17.35 13.70
C ILE A 457 -0.12 -17.60 13.95
N THR A 458 0.20 -18.71 14.62
CA THR A 458 1.58 -19.05 14.98
C THR A 458 2.57 -18.81 13.84
N CYS A 459 2.19 -19.23 12.63
CA CYS A 459 3.01 -19.03 11.45
C CYS A 459 3.49 -17.58 11.33
N TRP A 460 2.54 -16.65 11.26
CA TRP A 460 2.83 -15.24 11.13
C TRP A 460 3.73 -14.81 12.26
N THR A 461 3.30 -15.11 13.48
CA THR A 461 4.03 -14.69 14.68
C THR A 461 5.49 -15.09 14.57
N LEU A 462 5.71 -16.34 14.20
CA LEU A 462 7.04 -16.89 14.03
C LEU A 462 7.85 -16.11 13.02
N SER A 463 7.25 -15.80 11.88
CA SER A 463 7.95 -15.10 10.81
C SER A 463 8.33 -13.69 11.26
N ARG A 464 7.63 -13.19 12.27
CA ARG A 464 7.93 -11.85 12.79
C ARG A 464 9.20 -11.82 13.61
N TYR A 465 9.67 -13.00 14.01
CA TYR A 465 10.94 -13.15 14.72
C TYR A 465 11.86 -14.03 13.88
N ALA A 466 11.57 -14.08 12.58
CA ALA A 466 12.35 -14.87 11.62
C ALA A 466 13.80 -14.43 11.56
N HIS A 467 14.06 -13.14 11.79
CA HIS A 467 15.43 -12.68 11.69
C HIS A 467 16.33 -13.33 12.70
N TRP A 468 16.00 -13.18 13.99
CA TRP A 468 16.81 -13.76 15.06
C TRP A 468 17.10 -15.24 14.79
N VAL A 469 16.09 -15.93 14.28
CA VAL A 469 16.16 -17.37 13.99
C VAL A 469 17.30 -17.75 13.05
N VAL A 470 17.48 -16.97 11.98
CA VAL A 470 18.56 -17.23 11.04
C VAL A 470 19.93 -16.99 11.68
N SER A 471 19.96 -16.08 12.65
CA SER A 471 21.19 -15.70 13.35
C SER A 471 21.72 -16.83 14.21
N GLN A 472 20.82 -17.67 14.71
CA GLN A 472 21.18 -18.83 15.50
C GLN A 472 21.29 -20.03 14.58
N PRO A 473 22.31 -20.89 14.81
CA PRO A 473 22.54 -22.12 14.05
C PRO A 473 21.26 -22.91 13.76
N PRO A 474 21.19 -23.52 12.56
CA PRO A 474 19.93 -24.11 12.09
C PRO A 474 19.48 -25.33 12.88
N ASP A 475 20.42 -26.23 13.21
CA ASP A 475 20.11 -27.49 13.89
C ASP A 475 19.53 -27.32 15.30
N THR A 476 18.95 -26.16 15.57
CA THR A 476 18.30 -25.87 16.85
C THR A 476 17.03 -25.08 16.63
N TYR A 477 17.07 -24.18 15.65
CA TYR A 477 15.99 -23.23 15.45
C TYR A 477 15.44 -23.21 14.04
N LEU A 478 16.30 -22.94 13.07
CA LEU A 478 15.85 -22.82 11.70
C LEU A 478 15.35 -24.15 11.17
N LYS A 479 16.20 -25.17 11.19
CA LYS A 479 15.84 -26.51 10.72
C LYS A 479 14.48 -26.98 11.25
N PRO A 480 14.29 -26.95 12.58
CA PRO A 480 12.96 -27.32 13.08
C PRO A 480 11.84 -26.52 12.43
N LEU A 481 11.98 -25.19 12.45
CA LEU A 481 10.95 -24.28 11.97
C LEU A 481 10.62 -24.54 10.50
N MET A 482 11.65 -24.48 9.66
CA MET A 482 11.57 -24.74 8.23
C MET A 482 10.82 -26.05 7.96
N THR A 483 11.28 -27.14 8.56
CA THR A 483 10.62 -28.45 8.50
C THR A 483 9.12 -28.32 8.76
N GLU A 484 8.79 -27.86 9.95
CA GLU A 484 7.42 -27.81 10.39
C GLU A 484 6.56 -26.93 9.52
N LEU A 485 7.15 -25.83 9.04
CA LEU A 485 6.46 -24.94 8.12
C LEU A 485 6.10 -25.61 6.80
N LEU A 486 7.07 -26.34 6.25
CA LEU A 486 6.87 -27.09 5.01
C LEU A 486 5.70 -28.04 5.16
N LYS A 487 5.50 -28.55 6.37
CA LYS A 487 4.38 -29.43 6.67
C LYS A 487 3.10 -28.62 6.58
N ARG A 488 3.11 -27.46 7.23
CA ARG A 488 1.96 -26.58 7.35
C ARG A 488 1.57 -25.93 6.02
N ILE A 489 2.50 -25.88 5.08
CA ILE A 489 2.18 -25.37 3.76
C ILE A 489 1.09 -26.23 3.11
N LEU A 490 1.17 -27.53 3.29
CA LEU A 490 0.20 -28.43 2.72
C LEU A 490 -0.92 -28.72 3.71
N ASP A 491 -0.99 -27.94 4.78
CA ASP A 491 -2.04 -28.09 5.80
C ASP A 491 -3.41 -28.16 5.13
N SER A 492 -4.26 -29.01 5.64
CA SER A 492 -5.58 -29.27 5.07
C SER A 492 -6.54 -28.07 5.12
N ASN A 493 -6.35 -27.18 6.11
CA ASN A 493 -7.20 -26.01 6.25
C ASN A 493 -6.68 -24.87 5.38
N LYS A 494 -7.42 -24.53 4.32
CA LYS A 494 -7.01 -23.49 3.36
C LYS A 494 -6.38 -22.27 4.05
N ARG A 495 -7.00 -21.84 5.14
CA ARG A 495 -6.57 -20.72 5.94
C ARG A 495 -5.17 -20.90 6.52
N VAL A 496 -4.86 -22.13 6.91
CA VAL A 496 -3.58 -22.42 7.54
C VAL A 496 -2.49 -22.50 6.47
N GLN A 497 -2.87 -22.89 5.26
CA GLN A 497 -1.96 -22.83 4.11
C GLN A 497 -1.45 -21.40 3.90
N GLU A 498 -2.39 -20.47 3.91
CA GLU A 498 -2.14 -19.07 3.65
C GLU A 498 -1.05 -18.52 4.55
N ALA A 499 -1.23 -18.67 5.86
CA ALA A 499 -0.25 -18.15 6.80
C ALA A 499 1.07 -18.83 6.54
N ALA A 500 1.08 -20.15 6.69
CA ALA A 500 2.26 -20.98 6.52
C ALA A 500 3.11 -20.57 5.32
N CYS A 501 2.52 -20.65 4.14
CA CYS A 501 3.24 -20.37 2.92
C CYS A 501 3.80 -18.94 2.90
N SER A 502 3.06 -17.99 3.46
CA SER A 502 3.55 -16.63 3.51
C SER A 502 4.66 -16.54 4.53
N ALA A 503 4.42 -17.08 5.71
CA ALA A 503 5.42 -17.09 6.76
C ALA A 503 6.69 -17.71 6.20
N PHE A 504 6.52 -18.70 5.34
CA PHE A 504 7.64 -19.36 4.67
C PHE A 504 8.35 -18.45 3.67
N ALA A 505 7.57 -17.78 2.82
CA ALA A 505 8.13 -16.76 1.95
C ALA A 505 9.05 -15.85 2.77
N THR A 506 8.52 -15.28 3.85
CA THR A 506 9.29 -14.40 4.74
C THR A 506 10.57 -15.02 5.23
N LEU A 507 10.50 -16.30 5.56
CA LEU A 507 11.64 -16.98 6.13
C LEU A 507 12.76 -17.05 5.10
N GLU A 508 12.41 -17.38 3.88
CA GLU A 508 13.38 -17.59 2.80
C GLU A 508 14.27 -16.37 2.61
N GLU A 509 13.63 -15.21 2.53
CA GLU A 509 14.29 -13.92 2.41
C GLU A 509 15.37 -13.74 3.47
N GLU A 510 15.05 -14.15 4.69
CA GLU A 510 16.01 -14.06 5.80
C GLU A 510 17.09 -15.13 5.73
N ALA A 511 16.73 -16.34 5.33
CA ALA A 511 17.65 -17.47 5.36
C ALA A 511 18.40 -17.62 4.05
N CYS A 512 18.79 -16.47 3.47
CA CYS A 512 19.44 -16.41 2.15
C CYS A 512 19.96 -17.74 1.60
N THR A 513 21.22 -18.09 1.88
CA THR A 513 21.78 -19.33 1.34
C THR A 513 21.76 -20.50 2.34
N GLU A 514 21.19 -20.24 3.52
CA GLU A 514 21.05 -21.26 4.56
C GLU A 514 20.05 -22.32 4.16
N LEU A 515 19.24 -22.00 3.15
CA LEU A 515 18.27 -22.91 2.61
C LEU A 515 18.90 -23.92 1.65
N VAL A 516 19.97 -23.50 0.98
CA VAL A 516 20.60 -24.30 -0.08
C VAL A 516 20.70 -25.79 0.25
N PRO A 517 21.32 -26.15 1.40
CA PRO A 517 21.35 -27.56 1.80
C PRO A 517 19.99 -28.25 1.86
N TYR A 518 18.98 -27.58 2.39
CA TYR A 518 17.69 -28.23 2.56
C TYR A 518 16.76 -28.04 1.35
N LEU A 519 17.36 -27.90 0.17
CA LEU A 519 16.65 -27.41 -1.01
C LEU A 519 15.74 -28.44 -1.68
N ALA A 520 16.27 -29.63 -1.93
CA ALA A 520 15.51 -30.71 -2.54
C ALA A 520 14.19 -30.92 -1.81
N TYR A 521 14.22 -30.69 -0.50
CA TYR A 521 13.05 -30.85 0.34
C TYR A 521 12.03 -29.75 0.09
N ILE A 522 12.52 -28.51 0.09
CA ILE A 522 11.67 -27.33 -0.12
C ILE A 522 10.81 -27.53 -1.34
N LEU A 523 11.48 -27.70 -2.49
CA LEU A 523 10.82 -27.85 -3.77
C LEU A 523 9.82 -28.99 -3.76
N ASP A 524 10.23 -30.12 -3.21
CA ASP A 524 9.36 -31.28 -3.21
C ASP A 524 7.98 -30.89 -2.72
N THR A 525 7.90 -30.29 -1.53
CA THR A 525 6.61 -29.93 -0.95
C THR A 525 5.98 -28.74 -1.68
N LEU A 526 6.84 -27.83 -2.15
CA LEU A 526 6.39 -26.59 -2.74
C LEU A 526 5.74 -26.77 -4.11
N VAL A 527 6.12 -27.84 -4.82
CA VAL A 527 5.53 -28.13 -6.14
C VAL A 527 4.25 -28.95 -6.08
N PHE A 528 4.08 -29.73 -5.03
CA PHE A 528 2.80 -30.38 -4.84
C PHE A 528 1.78 -29.32 -4.46
N ALA A 529 2.25 -28.35 -3.66
CA ALA A 529 1.45 -27.21 -3.27
C ALA A 529 0.93 -26.48 -4.52
N PHE A 530 1.61 -26.70 -5.64
CA PHE A 530 1.28 -25.99 -6.85
C PHE A 530 0.01 -26.48 -7.53
N SER A 531 -0.36 -27.73 -7.26
CA SER A 531 -1.49 -28.33 -7.92
C SER A 531 -2.56 -28.64 -6.90
N LYS A 532 -2.47 -27.96 -5.76
CA LYS A 532 -3.47 -28.07 -4.70
C LYS A 532 -4.00 -26.69 -4.34
N TYR A 533 -3.21 -25.66 -4.62
CA TYR A 533 -3.56 -24.29 -4.27
C TYR A 533 -4.47 -23.68 -5.31
N GLN A 534 -5.57 -23.09 -4.84
CA GLN A 534 -6.55 -22.39 -5.68
C GLN A 534 -6.14 -20.91 -5.83
N HIS A 535 -7.03 -19.95 -5.56
CA HIS A 535 -6.82 -18.61 -6.08
C HIS A 535 -5.72 -17.76 -5.44
N LYS A 536 -6.00 -17.18 -4.27
CA LYS A 536 -5.04 -16.29 -3.61
C LYS A 536 -3.92 -17.07 -2.95
N ASN A 537 -4.23 -18.26 -2.44
CA ASN A 537 -3.20 -19.13 -1.92
C ASN A 537 -2.10 -19.35 -2.95
N LEU A 538 -2.47 -19.25 -4.23
CA LEU A 538 -1.55 -19.45 -5.33
C LEU A 538 -0.55 -18.32 -5.44
N LEU A 539 -1.05 -17.09 -5.35
CA LEU A 539 -0.23 -15.90 -5.49
C LEU A 539 0.88 -15.97 -4.48
N ILE A 540 0.54 -16.39 -3.26
CA ILE A 540 1.53 -16.54 -2.21
C ILE A 540 2.58 -17.56 -2.62
N LEU A 541 2.14 -18.70 -3.12
CA LEU A 541 3.06 -19.73 -3.56
C LEU A 541 4.00 -19.13 -4.59
N TYR A 542 3.44 -18.41 -5.55
CA TYR A 542 4.24 -17.74 -6.55
C TYR A 542 5.35 -16.93 -5.88
N ASP A 543 4.98 -16.25 -4.81
CA ASP A 543 5.93 -15.44 -4.10
C ASP A 543 6.92 -16.30 -3.32
N ALA A 544 6.47 -17.45 -2.81
CA ALA A 544 7.36 -18.32 -2.05
C ALA A 544 8.43 -18.81 -3.00
N ILE A 545 8.05 -18.98 -4.25
CA ILE A 545 8.96 -19.53 -5.26
C ILE A 545 9.94 -18.49 -5.75
N GLY A 546 9.43 -17.40 -6.31
CA GLY A 546 10.26 -16.29 -6.70
C GLY A 546 11.27 -16.02 -5.61
N THR A 547 10.77 -15.87 -4.39
CA THR A 547 11.62 -15.57 -3.24
C THR A 547 12.70 -16.63 -3.05
N LEU A 548 12.30 -17.90 -3.06
CA LEU A 548 13.28 -18.99 -3.01
C LEU A 548 14.37 -18.75 -4.03
N ALA A 549 14.00 -18.64 -5.30
CA ALA A 549 14.91 -18.31 -6.37
C ALA A 549 15.77 -17.09 -6.03
N ASP A 550 15.10 -16.02 -5.61
CA ASP A 550 15.78 -14.79 -5.23
C ASP A 550 16.86 -14.99 -4.16
N SER A 551 16.55 -15.85 -3.20
CA SER A 551 17.39 -16.04 -2.03
C SER A 551 18.51 -17.02 -2.29
N VAL A 552 18.21 -18.11 -2.98
CA VAL A 552 19.24 -19.14 -3.21
C VAL A 552 20.03 -18.95 -4.51
N GLY A 553 19.48 -18.16 -5.43
CA GLY A 553 20.25 -17.73 -6.60
C GLY A 553 20.76 -18.86 -7.44
N HIS A 554 22.03 -18.79 -7.85
CA HIS A 554 22.55 -19.76 -8.79
C HIS A 554 22.53 -21.20 -8.24
N HIS A 555 22.42 -21.34 -6.92
CA HIS A 555 22.46 -22.67 -6.28
C HIS A 555 21.27 -23.52 -6.70
N LEU A 556 20.32 -22.88 -7.39
CA LEU A 556 19.11 -23.51 -7.91
C LEU A 556 19.33 -24.15 -9.29
N ASN A 557 20.51 -23.94 -9.86
CA ASN A 557 20.85 -24.38 -11.21
C ASN A 557 21.03 -25.87 -11.40
N LYS A 558 21.24 -26.61 -10.32
CA LYS A 558 21.41 -28.06 -10.40
C LYS A 558 20.18 -28.70 -11.10
N PRO A 559 20.43 -29.62 -12.06
CA PRO A 559 19.39 -30.23 -12.90
C PRO A 559 18.17 -30.73 -12.13
N GLU A 560 18.38 -31.59 -11.13
CA GLU A 560 17.27 -32.24 -10.40
C GLU A 560 16.23 -31.25 -9.87
N TYR A 561 16.66 -30.03 -9.57
CA TYR A 561 15.75 -28.96 -9.15
C TYR A 561 14.94 -28.49 -10.32
N ILE A 562 15.62 -28.12 -11.40
CA ILE A 562 14.97 -27.70 -12.64
C ILE A 562 13.90 -28.71 -13.04
N GLN A 563 14.26 -30.00 -13.01
CA GLN A 563 13.33 -31.08 -13.32
C GLN A 563 12.00 -30.92 -12.57
N MET A 564 12.08 -30.64 -11.27
CA MET A 564 10.89 -30.52 -10.43
C MET A 564 10.14 -29.25 -10.74
N LEU A 565 10.86 -28.13 -10.67
CA LEU A 565 10.23 -26.82 -10.65
C LEU A 565 9.61 -26.41 -11.97
N MET A 566 10.33 -26.64 -13.06
CA MET A 566 9.89 -26.14 -14.34
C MET A 566 8.54 -26.69 -14.81
N PRO A 567 8.40 -28.02 -14.92
CA PRO A 567 7.17 -28.64 -15.42
C PRO A 567 5.84 -28.02 -14.95
N PRO A 568 5.60 -27.91 -13.62
CA PRO A 568 4.34 -27.28 -13.19
C PRO A 568 4.18 -25.83 -13.62
N LEU A 569 5.31 -25.13 -13.78
CA LEU A 569 5.32 -23.73 -14.23
C LEU A 569 5.04 -23.65 -15.72
N ILE A 570 5.86 -24.38 -16.47
CA ILE A 570 5.72 -24.44 -17.92
C ILE A 570 4.31 -24.94 -18.25
N GLN A 571 3.72 -25.71 -17.32
CA GLN A 571 2.34 -26.17 -17.44
C GLN A 571 1.34 -25.01 -17.40
N LYS A 572 1.36 -24.26 -16.30
CA LYS A 572 0.53 -23.06 -16.17
C LYS A 572 0.72 -22.20 -17.41
N TRP A 573 1.97 -21.83 -17.66
CA TRP A 573 2.39 -21.08 -18.84
C TRP A 573 1.63 -21.47 -20.10
N ASN A 574 1.49 -22.77 -20.33
CA ASN A 574 0.85 -23.26 -21.55
C ASN A 574 -0.68 -23.17 -21.47
N MET A 575 -1.26 -23.63 -20.38
CA MET A 575 -2.71 -23.56 -20.21
C MET A 575 -3.17 -22.13 -19.88
N LEU A 576 -2.42 -21.14 -20.34
CA LEU A 576 -2.81 -19.74 -20.18
C LEU A 576 -2.65 -18.93 -21.46
N LYS A 577 -3.31 -17.78 -21.52
CA LYS A 577 -3.39 -16.99 -22.75
C LYS A 577 -2.91 -15.54 -22.59
N ASP A 578 -2.56 -14.92 -23.72
CA ASP A 578 -2.07 -13.54 -23.78
C ASP A 578 -3.07 -12.48 -23.28
N GLU A 579 -4.21 -12.91 -22.75
CA GLU A 579 -5.26 -11.97 -22.29
C GLU A 579 -5.67 -12.20 -20.84
N ASP A 580 -5.39 -13.40 -20.33
CA ASP A 580 -5.70 -13.73 -18.95
C ASP A 580 -4.75 -13.03 -17.98
N LYS A 581 -5.35 -12.26 -17.08
CA LYS A 581 -4.61 -11.47 -16.08
C LYS A 581 -3.96 -12.35 -15.02
N ASP A 582 -4.14 -13.67 -15.15
CA ASP A 582 -3.49 -14.60 -14.24
C ASP A 582 -2.06 -14.84 -14.67
N LEU A 583 -1.67 -14.22 -15.79
CA LEU A 583 -0.30 -14.31 -16.24
C LEU A 583 0.66 -13.46 -15.40
N PHE A 584 0.18 -12.30 -14.95
CA PHE A 584 1.00 -11.42 -14.13
C PHE A 584 1.85 -12.24 -13.16
N PRO A 585 1.22 -12.88 -12.16
CA PRO A 585 1.98 -13.43 -11.05
C PRO A 585 2.91 -14.57 -11.46
N LEU A 586 2.62 -15.20 -12.59
CA LEU A 586 3.46 -16.27 -13.11
C LEU A 586 4.72 -15.71 -13.75
N LEU A 587 4.55 -14.82 -14.72
CA LEU A 587 5.67 -14.15 -15.35
C LEU A 587 6.57 -13.49 -14.32
N GLU A 588 5.96 -12.73 -13.41
CA GLU A 588 6.67 -12.15 -12.28
C GLU A 588 7.52 -13.18 -11.55
N CYS A 589 6.91 -14.32 -11.24
CA CYS A 589 7.63 -15.41 -10.58
C CYS A 589 8.77 -15.88 -11.46
N LEU A 590 8.46 -16.14 -12.74
CA LEU A 590 9.43 -16.65 -13.70
C LEU A 590 10.69 -15.80 -13.83
N SER A 591 10.53 -14.47 -13.81
CA SER A 591 11.66 -13.55 -13.92
C SER A 591 12.68 -13.78 -12.80
N SER A 592 12.21 -14.22 -11.65
CA SER A 592 13.11 -14.55 -10.56
C SER A 592 13.78 -15.89 -10.77
N VAL A 593 13.01 -16.86 -11.27
CA VAL A 593 13.49 -18.19 -11.58
C VAL A 593 14.59 -18.11 -12.63
N ALA A 594 14.33 -17.34 -13.68
CA ALA A 594 15.25 -17.21 -14.79
C ALA A 594 16.59 -16.64 -14.31
N THR A 595 16.53 -15.60 -13.50
CA THR A 595 17.70 -14.98 -12.95
C THR A 595 18.51 -16.02 -12.21
N ALA A 596 17.85 -16.73 -11.29
CA ALA A 596 18.48 -17.78 -10.47
C ALA A 596 19.04 -18.91 -11.31
N LEU A 597 18.27 -19.34 -12.30
CA LEU A 597 18.64 -20.49 -13.13
C LEU A 597 19.61 -20.11 -14.24
N GLN A 598 20.44 -19.10 -13.97
CA GLN A 598 21.34 -18.51 -14.97
C GLN A 598 21.26 -19.15 -16.37
N SER A 599 22.15 -20.10 -16.63
CA SER A 599 22.24 -20.75 -17.93
C SER A 599 21.37 -22.00 -18.02
N GLY A 600 20.89 -22.48 -16.87
CA GLY A 600 20.04 -23.67 -16.83
C GLY A 600 18.71 -23.40 -17.47
N PHE A 601 18.46 -22.13 -17.80
CA PHE A 601 17.20 -21.69 -18.36
C PHE A 601 17.21 -21.70 -19.88
N LEU A 602 18.41 -21.81 -20.45
CA LEU A 602 18.59 -21.93 -21.90
C LEU A 602 17.53 -22.83 -22.58
N PRO A 603 17.26 -24.03 -22.01
CA PRO A 603 16.21 -24.86 -22.60
C PRO A 603 14.86 -24.16 -22.80
N TYR A 604 14.68 -22.94 -22.31
CA TYR A 604 13.35 -22.34 -22.33
C TYR A 604 13.28 -20.95 -22.92
N CYS A 605 14.36 -20.21 -22.86
CA CYS A 605 14.30 -18.78 -23.19
C CYS A 605 13.54 -18.48 -24.48
N GLU A 606 13.96 -19.07 -25.60
CA GLU A 606 13.32 -18.78 -26.90
C GLU A 606 11.81 -18.51 -26.75
N PRO A 607 10.98 -19.56 -26.50
CA PRO A 607 9.54 -19.28 -26.39
C PRO A 607 9.18 -18.22 -25.35
N VAL A 608 9.96 -18.15 -24.26
CA VAL A 608 9.69 -17.21 -23.17
C VAL A 608 9.93 -15.79 -23.66
N TYR A 609 11.14 -15.56 -24.14
CA TYR A 609 11.54 -14.30 -24.75
C TYR A 609 10.52 -13.85 -25.78
N GLN A 610 10.07 -14.82 -26.58
CA GLN A 610 9.08 -14.59 -27.63
C GLN A 610 7.81 -14.00 -27.01
N ARG A 611 7.09 -14.83 -26.26
CA ARG A 611 5.87 -14.43 -25.58
C ARG A 611 5.96 -12.99 -25.07
N CYS A 612 7.11 -12.62 -24.51
CA CYS A 612 7.27 -11.31 -23.88
C CYS A 612 7.22 -10.14 -24.85
N VAL A 613 8.05 -10.20 -25.89
CA VAL A 613 8.03 -9.20 -26.95
C VAL A 613 6.60 -9.04 -27.45
N ASN A 614 5.97 -10.16 -27.81
CA ASN A 614 4.55 -10.22 -28.20
C ASN A 614 3.63 -9.38 -27.32
N LEU A 615 3.70 -9.62 -26.02
CA LEU A 615 2.83 -8.96 -25.07
C LEU A 615 3.08 -7.46 -24.98
N VAL A 616 4.32 -7.05 -25.16
CA VAL A 616 4.64 -5.64 -25.26
C VAL A 616 4.06 -5.12 -26.57
N GLN A 617 4.52 -5.68 -27.69
CA GLN A 617 4.05 -5.34 -29.03
C GLN A 617 2.57 -4.99 -28.98
N LYS A 618 1.77 -5.94 -28.51
CA LYS A 618 0.32 -5.81 -28.48
C LYS A 618 -0.17 -4.70 -27.54
N THR A 619 0.30 -4.71 -26.29
CA THR A 619 -0.10 -3.70 -25.29
C THR A 619 0.25 -2.30 -25.78
N LEU A 620 1.51 -2.13 -26.21
CA LEU A 620 2.01 -0.88 -26.72
C LEU A 620 1.15 -0.40 -27.89
N ALA A 621 0.79 -1.35 -28.77
CA ALA A 621 -0.06 -1.09 -29.93
C ALA A 621 -1.43 -0.59 -29.49
N GLN A 622 -1.98 -1.26 -28.48
CA GLN A 622 -3.31 -0.95 -27.98
C GLN A 622 -3.38 0.42 -27.34
N ALA A 623 -2.26 0.85 -26.77
CA ALA A 623 -2.17 2.14 -26.07
C ALA A 623 -2.53 3.30 -27.00
N MET A 624 -1.77 3.45 -28.08
CA MET A 624 -1.98 4.52 -29.07
C MET A 624 -3.34 4.44 -29.78
N LEU A 625 -3.82 3.22 -29.97
CA LEU A 625 -5.12 2.98 -30.61
C LEU A 625 -6.28 3.31 -29.68
N ASN A 626 -6.07 3.10 -28.38
CA ASN A 626 -7.01 3.59 -27.35
C ASN A 626 -7.04 5.11 -27.37
N ASN A 627 -5.89 5.71 -27.64
CA ASN A 627 -5.77 7.15 -27.75
C ASN A 627 -6.43 7.71 -29.03
N ALA A 628 -6.13 7.08 -30.16
CA ALA A 628 -6.65 7.49 -31.46
C ALA A 628 -8.02 6.89 -31.80
N GLN A 629 -8.67 6.26 -30.81
CA GLN A 629 -10.03 5.71 -30.97
C GLN A 629 -10.69 5.35 -29.62
N PRO A 630 -10.77 6.32 -28.69
CA PRO A 630 -11.32 6.06 -27.36
C PRO A 630 -12.59 5.19 -27.34
N ASP A 631 -13.44 5.35 -28.34
CA ASP A 631 -14.75 4.71 -28.36
C ASP A 631 -14.82 3.36 -29.08
N GLN A 632 -13.68 2.82 -29.53
CA GLN A 632 -13.65 1.48 -30.16
C GLN A 632 -12.42 0.64 -29.79
N TYR A 633 -11.35 1.31 -29.36
CA TYR A 633 -10.16 0.61 -28.88
C TYR A 633 -10.07 0.55 -27.36
N GLU A 634 -10.31 -0.65 -26.84
CA GLU A 634 -10.31 -0.93 -25.41
C GLU A 634 -9.03 -0.47 -24.73
N ALA A 635 -9.20 0.26 -23.62
CA ALA A 635 -8.10 0.66 -22.78
C ALA A 635 -7.33 -0.58 -22.32
N PRO A 636 -6.04 -0.67 -22.72
CA PRO A 636 -5.19 -1.83 -22.40
C PRO A 636 -4.77 -1.90 -20.92
N ASP A 637 -4.44 -3.10 -20.44
CA ASP A 637 -3.85 -3.25 -19.12
C ASP A 637 -2.35 -3.30 -19.26
N LYS A 638 -1.66 -2.37 -18.59
CA LYS A 638 -0.22 -2.20 -18.79
C LYS A 638 0.62 -3.13 -17.91
N ASP A 639 -0.02 -3.79 -16.94
CA ASP A 639 0.62 -4.82 -16.15
C ASP A 639 0.98 -6.01 -17.00
N PHE A 640 0.47 -6.04 -18.23
CA PHE A 640 0.88 -7.03 -19.21
C PHE A 640 2.22 -6.61 -19.78
N MET A 641 2.36 -5.32 -20.03
CA MET A 641 3.62 -4.79 -20.54
C MET A 641 4.67 -4.80 -19.45
N ILE A 642 4.27 -4.42 -18.24
CA ILE A 642 5.18 -4.39 -17.10
C ILE A 642 5.85 -5.73 -16.94
N VAL A 643 5.07 -6.75 -16.54
CA VAL A 643 5.64 -8.06 -16.26
C VAL A 643 6.55 -8.53 -17.39
N ALA A 644 6.07 -8.43 -18.63
CA ALA A 644 6.85 -8.84 -19.79
C ALA A 644 8.26 -8.33 -19.64
N LEU A 645 8.37 -7.01 -19.52
CA LEU A 645 9.66 -6.33 -19.39
C LEU A 645 10.47 -6.88 -18.23
N ASP A 646 9.79 -7.07 -17.11
CA ASP A 646 10.44 -7.59 -15.92
C ASP A 646 11.00 -8.97 -16.22
N LEU A 647 10.09 -9.94 -16.46
CA LEU A 647 10.46 -11.28 -16.95
C LEU A 647 11.55 -11.24 -18.03
N LEU A 648 11.64 -10.11 -18.73
CA LEU A 648 12.59 -9.94 -19.80
C LEU A 648 13.96 -9.64 -19.22
N SER A 649 14.05 -8.62 -18.37
CA SER A 649 15.35 -8.24 -17.80
C SER A 649 15.85 -9.29 -16.84
N GLY A 650 15.05 -10.33 -16.66
CA GLY A 650 15.43 -11.47 -15.85
C GLY A 650 16.13 -12.45 -16.76
N LEU A 651 15.62 -12.59 -17.98
CA LEU A 651 16.29 -13.38 -18.99
C LEU A 651 17.61 -12.73 -19.32
N ALA A 652 17.59 -11.40 -19.44
CA ALA A 652 18.77 -10.60 -19.72
C ALA A 652 19.78 -10.76 -18.60
N GLU A 653 19.30 -10.89 -17.37
CA GLU A 653 20.21 -10.97 -16.26
C GLU A 653 20.85 -12.36 -16.19
N GLY A 654 20.03 -13.38 -16.03
CA GLY A 654 20.56 -14.74 -15.89
C GLY A 654 21.44 -15.16 -17.06
N LEU A 655 20.92 -14.92 -18.27
CA LEU A 655 21.56 -15.38 -19.50
C LEU A 655 22.76 -14.56 -19.93
N GLY A 656 22.73 -13.27 -19.64
CA GLY A 656 23.82 -12.36 -20.00
C GLY A 656 24.13 -12.45 -21.49
N GLY A 657 25.41 -12.65 -21.80
CA GLY A 657 25.90 -12.71 -23.19
C GLY A 657 25.21 -13.72 -24.09
N ASN A 658 24.32 -14.54 -23.53
CA ASN A 658 23.62 -15.56 -24.27
C ASN A 658 22.32 -15.06 -24.88
N ILE A 659 21.88 -13.89 -24.45
CA ILE A 659 20.67 -13.30 -25.00
C ILE A 659 20.99 -12.59 -26.32
N GLU A 660 22.27 -12.34 -26.57
CA GLU A 660 22.75 -11.71 -27.79
C GLU A 660 21.77 -11.93 -28.95
N GLN A 661 21.59 -13.20 -29.34
CA GLN A 661 20.80 -13.57 -30.52
C GLN A 661 19.38 -13.10 -30.41
N LEU A 662 18.72 -13.50 -29.33
CA LEU A 662 17.31 -13.21 -29.13
C LEU A 662 17.07 -11.70 -29.23
N VAL A 663 17.97 -10.91 -28.66
CA VAL A 663 17.92 -9.47 -28.82
C VAL A 663 18.05 -9.12 -30.29
N ALA A 664 19.16 -9.54 -30.91
CA ALA A 664 19.48 -9.21 -32.31
C ALA A 664 18.35 -9.50 -33.29
N ARG A 665 17.64 -10.61 -33.08
CA ARG A 665 16.63 -11.08 -34.05
C ARG A 665 15.21 -10.57 -33.80
N SER A 666 15.09 -9.44 -33.10
CA SER A 666 13.78 -8.86 -32.77
C SER A 666 13.83 -7.34 -32.53
N ASN A 667 12.74 -6.67 -32.91
CA ASN A 667 12.60 -5.22 -32.76
C ASN A 667 12.30 -4.82 -31.33
N ILE A 668 13.15 -5.30 -30.42
CA ILE A 668 12.95 -5.17 -28.97
C ILE A 668 13.47 -3.83 -28.44
N LEU A 669 14.60 -3.40 -28.99
CA LEU A 669 15.22 -2.16 -28.61
C LEU A 669 14.23 -1.01 -28.79
N THR A 670 13.68 -0.91 -30.00
CA THR A 670 12.71 0.11 -30.38
C THR A 670 11.47 0.09 -29.49
N LEU A 671 11.14 -1.07 -28.95
CA LEU A 671 9.95 -1.22 -28.12
C LEU A 671 10.10 -0.53 -26.76
N MET A 672 11.22 -0.73 -26.09
CA MET A 672 11.44 -0.04 -24.82
C MET A 672 11.54 1.43 -25.08
N TYR A 673 12.14 1.78 -26.22
CA TYR A 673 12.28 3.16 -26.64
C TYR A 673 10.95 3.88 -26.45
N GLN A 674 9.85 3.17 -26.72
CA GLN A 674 8.51 3.70 -26.47
C GLN A 674 8.09 3.59 -24.99
N CYS A 675 8.54 2.54 -24.32
CA CYS A 675 8.13 2.25 -22.94
C CYS A 675 8.64 3.25 -21.93
N MET A 676 9.80 3.83 -22.21
CA MET A 676 10.42 4.79 -21.30
C MET A 676 9.62 6.08 -21.26
N GLN A 677 8.89 6.33 -22.34
CA GLN A 677 8.13 7.55 -22.49
C GLN A 677 6.70 7.39 -21.99
N ASP A 678 6.28 6.13 -21.82
CA ASP A 678 4.93 5.82 -21.37
C ASP A 678 4.60 6.52 -20.07
N LYS A 679 3.42 7.13 -20.03
CA LYS A 679 2.97 7.97 -18.92
C LYS A 679 3.03 7.30 -17.56
N MET A 680 2.77 5.99 -17.53
CA MET A 680 2.67 5.26 -16.28
C MET A 680 4.05 4.93 -15.67
N PRO A 681 4.33 5.46 -14.47
CA PRO A 681 5.58 5.34 -13.73
C PRO A 681 6.25 3.97 -13.82
N GLU A 682 5.49 2.92 -13.56
CA GLU A 682 6.06 1.57 -13.49
C GLU A 682 6.64 1.13 -14.83
N VAL A 683 5.88 1.35 -15.90
CA VAL A 683 6.33 1.02 -17.24
C VAL A 683 7.68 1.71 -17.52
N ARG A 684 7.80 2.94 -17.05
CA ARG A 684 9.04 3.70 -17.15
C ARG A 684 10.18 2.97 -16.45
N GLN A 685 10.00 2.67 -15.17
CA GLN A 685 11.07 2.01 -14.41
C GLN A 685 11.42 0.66 -15.01
N SER A 686 10.41 -0.18 -15.20
CA SER A 686 10.60 -1.57 -15.65
C SER A 686 11.47 -1.68 -16.89
N SER A 687 11.27 -0.75 -17.83
CA SER A 687 12.08 -0.68 -19.04
C SER A 687 13.53 -0.31 -18.71
N PHE A 688 13.74 0.77 -17.97
CA PHE A 688 15.09 1.16 -17.62
C PHE A 688 15.87 -0.01 -17.03
N ALA A 689 15.27 -0.71 -16.09
CA ALA A 689 15.85 -1.91 -15.52
C ALA A 689 16.35 -2.82 -16.62
N LEU A 690 15.55 -3.01 -17.66
CA LEU A 690 15.92 -3.88 -18.77
C LEU A 690 17.02 -3.22 -19.60
N LEU A 691 16.89 -1.93 -19.83
CA LEU A 691 17.93 -1.18 -20.51
C LEU A 691 19.30 -1.40 -19.84
N GLY A 692 19.33 -1.38 -18.52
CA GLY A 692 20.55 -1.66 -17.77
C GLY A 692 21.08 -3.04 -18.03
N ASP A 693 20.17 -4.03 -17.99
CA ASP A 693 20.55 -5.43 -18.13
C ASP A 693 21.00 -5.81 -19.54
N LEU A 694 20.35 -5.22 -20.53
CA LEU A 694 20.78 -5.40 -21.91
C LEU A 694 22.15 -4.78 -22.12
N THR A 695 22.34 -3.60 -21.53
CA THR A 695 23.62 -2.91 -21.57
C THR A 695 24.66 -3.81 -20.94
N LYS A 696 24.26 -4.50 -19.88
CA LYS A 696 25.21 -5.33 -19.15
C LYS A 696 25.55 -6.58 -19.96
N ALA A 697 24.62 -7.03 -20.82
CA ALA A 697 24.81 -8.25 -21.60
C ALA A 697 25.52 -7.97 -22.90
N CYS A 698 24.76 -7.52 -23.89
CA CYS A 698 25.25 -7.31 -25.24
C CYS A 698 25.18 -5.84 -25.62
N PHE A 699 26.08 -5.04 -25.05
CA PHE A 699 26.03 -3.60 -25.25
C PHE A 699 26.04 -3.19 -26.71
N GLN A 700 26.68 -3.99 -27.55
CA GLN A 700 26.80 -3.70 -28.99
C GLN A 700 25.44 -3.53 -29.68
N HIS A 701 24.38 -4.03 -29.04
CA HIS A 701 23.04 -3.89 -29.58
C HIS A 701 22.31 -2.65 -29.08
N VAL A 702 22.95 -1.95 -28.15
CA VAL A 702 22.37 -0.74 -27.56
C VAL A 702 22.95 0.50 -28.22
N LYS A 703 24.27 0.51 -28.36
CA LYS A 703 25.06 1.64 -28.84
C LYS A 703 24.42 2.47 -29.97
N PRO A 704 23.77 1.82 -30.95
CA PRO A 704 22.85 2.58 -31.81
C PRO A 704 21.89 3.48 -31.02
N CYS A 705 20.92 2.86 -30.34
CA CYS A 705 19.83 3.62 -29.72
C CYS A 705 20.23 4.57 -28.58
N ILE A 706 21.38 4.35 -27.97
CA ILE A 706 21.87 5.21 -26.88
C ILE A 706 21.72 6.70 -27.18
N ALA A 707 21.89 7.06 -28.44
CA ALA A 707 21.96 8.45 -28.88
C ALA A 707 20.78 9.23 -28.34
N ASP A 708 19.58 8.78 -28.72
CA ASP A 708 18.35 9.42 -28.26
C ASP A 708 17.85 8.84 -26.92
N PHE A 709 18.57 7.85 -26.39
CA PHE A 709 18.19 7.22 -25.13
C PHE A 709 18.52 8.10 -23.92
N MET A 710 19.72 8.67 -23.92
CA MET A 710 20.23 9.48 -22.81
C MET A 710 19.29 10.60 -22.33
N PRO A 711 18.82 11.47 -23.27
CA PRO A 711 17.78 12.46 -22.95
C PRO A 711 16.59 11.93 -22.14
N ILE A 712 15.98 10.82 -22.58
CA ILE A 712 14.84 10.22 -21.87
C ILE A 712 15.25 9.86 -20.43
N LEU A 713 16.43 9.25 -20.29
CA LEU A 713 16.98 8.96 -18.98
C LEU A 713 17.04 10.23 -18.13
N GLY A 714 17.64 11.29 -18.69
CA GLY A 714 17.72 12.59 -18.04
C GLY A 714 16.37 13.22 -17.69
N THR A 715 15.33 12.84 -18.43
CA THR A 715 13.96 13.30 -18.14
C THR A 715 13.38 12.57 -16.91
N ASN A 716 13.67 11.28 -16.78
CA ASN A 716 13.13 10.47 -15.69
C ASN A 716 13.96 10.51 -14.40
N LEU A 717 14.97 11.37 -14.38
CA LEU A 717 15.86 11.56 -13.24
C LEU A 717 15.19 12.40 -12.14
N ASN A 718 13.95 12.04 -11.82
CA ASN A 718 13.11 12.78 -10.89
C ASN A 718 12.75 11.93 -9.66
N PRO A 719 13.34 12.29 -8.49
CA PRO A 719 13.18 11.62 -7.19
C PRO A 719 11.77 11.63 -6.58
N GLU A 720 10.80 12.21 -7.27
CA GLU A 720 9.40 12.12 -6.84
C GLU A 720 8.87 10.72 -7.12
N PHE A 721 9.46 10.09 -8.13
CA PHE A 721 9.21 8.70 -8.46
C PHE A 721 10.48 7.92 -8.12
N ILE A 722 10.57 7.52 -6.84
CA ILE A 722 11.74 6.86 -6.30
C ILE A 722 12.27 5.78 -7.25
N SER A 723 11.45 4.77 -7.49
CA SER A 723 11.84 3.59 -8.27
C SER A 723 12.34 3.94 -9.67
N VAL A 724 11.62 4.83 -10.33
CA VAL A 724 11.94 5.22 -11.70
C VAL A 724 13.29 5.91 -11.71
N CYS A 725 13.42 6.92 -10.86
CA CYS A 725 14.64 7.68 -10.74
C CYS A 725 15.80 6.73 -10.47
N ASN A 726 15.61 5.84 -9.51
CA ASN A 726 16.60 4.83 -9.18
C ASN A 726 17.10 4.06 -10.40
N ASN A 727 16.19 3.34 -11.07
CA ASN A 727 16.55 2.51 -12.22
C ASN A 727 17.33 3.28 -13.25
N ALA A 728 16.71 4.35 -13.75
CA ALA A 728 17.32 5.30 -14.68
C ALA A 728 18.77 5.66 -14.31
N THR A 729 18.99 5.94 -13.04
CA THR A 729 20.32 6.29 -12.55
C THR A 729 21.30 5.16 -12.77
N TRP A 730 20.92 3.97 -12.34
CA TRP A 730 21.77 2.79 -12.44
C TRP A 730 22.12 2.50 -13.89
N ALA A 731 21.13 2.69 -14.76
CA ALA A 731 21.31 2.45 -16.17
C ALA A 731 22.55 3.19 -16.65
N ILE A 732 22.63 4.47 -16.33
CA ILE A 732 23.75 5.33 -16.77
C ILE A 732 25.12 4.82 -16.35
N GLY A 733 25.22 4.27 -15.16
CA GLY A 733 26.45 3.60 -14.71
C GLY A 733 26.94 2.57 -15.71
N GLU A 734 26.13 1.55 -15.94
CA GLU A 734 26.49 0.43 -16.83
C GLU A 734 26.69 0.91 -18.26
N ILE A 735 25.88 1.88 -18.66
CA ILE A 735 26.00 2.56 -19.94
C ILE A 735 27.39 3.13 -20.05
N SER A 736 27.73 4.01 -19.09
CA SER A 736 28.97 4.80 -19.15
C SER A 736 30.19 3.92 -19.14
N ILE A 737 30.23 2.98 -18.20
CA ILE A 737 31.36 2.07 -18.08
C ILE A 737 31.61 1.32 -19.40
N GLN A 738 30.58 1.27 -20.26
CA GLN A 738 30.66 0.63 -21.56
C GLN A 738 30.99 1.61 -22.69
N MET A 739 30.89 2.90 -22.41
CA MET A 739 31.06 3.95 -23.41
C MET A 739 32.47 4.56 -23.45
N GLY A 740 33.03 4.87 -22.29
CA GLY A 740 34.31 5.58 -22.20
C GLY A 740 34.11 7.07 -22.38
N ILE A 741 35.14 7.76 -22.86
CA ILE A 741 35.07 9.21 -23.13
C ILE A 741 33.84 9.53 -24.00
N GLU A 742 33.28 8.50 -24.63
CA GLU A 742 32.08 8.63 -25.43
C GLU A 742 30.88 9.18 -24.67
N MET A 743 30.93 9.07 -23.34
CA MET A 743 29.91 9.66 -22.47
C MET A 743 30.05 11.17 -22.40
N GLN A 744 31.18 11.64 -22.89
CA GLN A 744 31.55 13.06 -22.95
C GLN A 744 30.36 14.01 -23.03
N PRO A 745 29.50 13.84 -24.06
CA PRO A 745 28.48 14.85 -24.29
C PRO A 745 27.40 14.87 -23.23
N TYR A 746 27.13 13.73 -22.62
CA TYR A 746 25.95 13.56 -21.80
C TYR A 746 26.20 13.89 -20.34
N ILE A 747 27.47 13.83 -19.94
CA ILE A 747 27.94 14.25 -18.61
C ILE A 747 27.22 15.52 -18.11
N PRO A 748 27.29 16.63 -18.87
CA PRO A 748 26.77 17.91 -18.37
C PRO A 748 25.26 17.91 -18.21
N MET A 749 24.60 17.01 -18.93
CA MET A 749 23.16 16.83 -18.77
C MET A 749 22.90 16.29 -17.38
N VAL A 750 23.26 15.03 -17.17
CA VAL A 750 22.89 14.30 -15.97
C VAL A 750 23.66 14.70 -14.70
N LEU A 751 24.99 14.75 -14.78
CA LEU A 751 25.84 14.96 -13.60
C LEU A 751 25.29 15.96 -12.59
N HIS A 752 24.80 17.08 -13.08
CA HIS A 752 24.35 18.17 -12.21
C HIS A 752 23.13 17.79 -11.38
N GLN A 753 22.23 16.99 -11.94
CA GLN A 753 21.04 16.53 -11.23
C GLN A 753 21.40 15.55 -10.12
N LEU A 754 22.18 14.53 -10.46
CA LEU A 754 22.58 13.46 -9.54
C LEU A 754 23.11 13.99 -8.21
N VAL A 755 23.83 15.09 -8.26
CA VAL A 755 24.37 15.73 -7.07
C VAL A 755 23.23 16.28 -6.21
N GLU A 756 22.38 17.09 -6.82
CA GLU A 756 21.22 17.68 -6.14
C GLU A 756 20.25 16.60 -5.63
N ILE A 757 20.38 15.41 -6.22
CA ILE A 757 19.69 14.23 -5.73
C ILE A 757 20.40 13.68 -4.49
N ILE A 758 21.73 13.60 -4.54
CA ILE A 758 22.53 13.08 -3.44
C ILE A 758 22.60 14.07 -2.26
N ASN A 759 22.40 15.35 -2.55
CA ASN A 759 22.37 16.36 -1.51
C ASN A 759 20.94 16.75 -1.18
N ARG A 760 20.08 15.75 -1.03
CA ARG A 760 18.66 15.99 -0.82
C ARG A 760 18.13 15.26 0.42
N PRO A 761 17.38 15.98 1.29
CA PRO A 761 16.81 15.41 2.51
C PRO A 761 15.83 14.26 2.23
N ASN A 762 15.80 13.31 3.15
CA ASN A 762 14.87 12.17 3.09
C ASN A 762 14.96 11.36 1.81
N THR A 763 16.03 11.56 1.05
CA THR A 763 16.33 10.73 -0.11
C THR A 763 16.72 9.34 0.39
N PRO A 764 15.90 8.31 0.09
CA PRO A 764 16.17 6.93 0.51
C PRO A 764 17.63 6.50 0.27
N LYS A 765 18.04 5.39 0.88
CA LYS A 765 19.41 4.92 0.70
C LYS A 765 19.61 4.18 -0.64
N THR A 766 18.64 3.35 -1.02
CA THR A 766 18.71 2.61 -2.29
C THR A 766 19.07 3.55 -3.43
N LEU A 767 18.31 4.63 -3.57
CA LEU A 767 18.55 5.60 -4.62
C LEU A 767 19.80 6.43 -4.34
N LEU A 768 20.19 6.52 -3.07
CA LEU A 768 21.43 7.22 -2.73
C LEU A 768 22.62 6.37 -3.18
N GLU A 769 22.56 5.07 -2.87
CA GLU A 769 23.57 4.12 -3.32
C GLU A 769 23.85 4.28 -4.80
N ASN A 770 22.82 4.03 -5.60
CA ASN A 770 22.97 4.03 -7.04
C ASN A 770 23.46 5.35 -7.59
N THR A 771 23.03 6.44 -6.96
CA THR A 771 23.46 7.78 -7.35
C THR A 771 24.97 7.85 -7.24
N ALA A 772 25.47 7.60 -6.03
CA ALA A 772 26.89 7.72 -5.75
C ALA A 772 27.75 6.83 -6.66
N ILE A 773 27.25 5.63 -6.97
CA ILE A 773 27.99 4.69 -7.81
C ILE A 773 28.14 5.22 -9.23
N THR A 774 27.00 5.50 -9.85
CA THR A 774 26.96 6.02 -11.21
C THR A 774 27.96 7.15 -11.36
N ILE A 775 27.85 8.16 -10.49
CA ILE A 775 28.76 9.33 -10.45
C ILE A 775 30.25 8.95 -10.50
N GLY A 776 30.60 7.91 -9.75
CA GLY A 776 31.96 7.39 -9.76
C GLY A 776 32.35 6.86 -11.13
N ARG A 777 31.42 6.14 -11.75
CA ARG A 777 31.64 5.54 -13.06
C ARG A 777 31.83 6.60 -14.13
N LEU A 778 30.90 7.55 -14.18
CA LEU A 778 31.00 8.66 -15.11
C LEU A 778 32.36 9.30 -14.97
N GLY A 779 32.76 9.57 -13.72
CA GLY A 779 34.05 10.17 -13.41
C GLY A 779 35.22 9.28 -13.79
N TYR A 780 35.02 7.97 -13.65
CA TYR A 780 36.04 7.00 -14.01
C TYR A 780 36.41 7.09 -15.49
N VAL A 781 35.42 7.25 -16.35
CA VAL A 781 35.63 7.32 -17.79
C VAL A 781 35.71 8.75 -18.34
N CYS A 782 35.06 9.68 -17.64
CA CYS A 782 35.19 11.10 -17.91
C CYS A 782 35.73 11.80 -16.68
N PRO A 783 37.07 11.75 -16.48
CA PRO A 783 37.64 12.35 -15.29
C PRO A 783 37.66 13.86 -15.40
N GLN A 784 38.26 14.37 -16.49
CA GLN A 784 38.45 15.82 -16.72
C GLN A 784 37.15 16.58 -16.56
N GLU A 785 36.05 15.86 -16.73
CA GLU A 785 34.73 16.44 -16.87
C GLU A 785 34.00 16.44 -15.53
N VAL A 786 34.27 15.42 -14.72
CA VAL A 786 33.58 15.27 -13.44
C VAL A 786 34.46 15.71 -12.27
N ALA A 787 35.76 15.45 -12.38
CA ALA A 787 36.71 15.90 -11.37
C ALA A 787 36.52 17.35 -10.92
N PRO A 788 36.38 18.30 -11.89
CA PRO A 788 36.20 19.71 -11.53
C PRO A 788 34.91 20.00 -10.75
N MET A 789 34.16 18.96 -10.40
CA MET A 789 32.96 19.12 -9.59
C MET A 789 33.13 18.48 -8.22
N LEU A 790 34.08 17.54 -8.12
CA LEU A 790 34.37 16.73 -6.93
C LEU A 790 33.83 17.25 -5.58
N GLN A 791 34.06 18.53 -5.31
CA GLN A 791 33.77 19.15 -4.02
C GLN A 791 32.38 18.91 -3.46
N GLN A 792 31.36 18.92 -4.32
CA GLN A 792 29.97 18.83 -3.87
C GLN A 792 29.63 17.46 -3.29
N PHE A 793 29.74 16.44 -4.12
CA PHE A 793 29.27 15.10 -3.77
C PHE A 793 30.19 14.35 -2.83
N ILE A 794 31.46 14.72 -2.83
CA ILE A 794 32.48 14.01 -2.06
C ILE A 794 32.12 13.92 -0.58
N ARG A 795 31.05 14.60 -0.21
CA ARG A 795 30.49 14.49 1.12
C ARG A 795 29.55 13.28 1.24
N PRO A 796 28.33 13.38 0.70
CA PRO A 796 27.35 12.30 0.92
C PRO A 796 27.70 11.01 0.18
N TRP A 797 28.65 11.12 -0.74
CA TRP A 797 29.17 9.99 -1.50
C TRP A 797 29.66 8.93 -0.53
N CYS A 798 30.69 9.31 0.23
CA CYS A 798 31.28 8.47 1.25
C CYS A 798 30.28 8.18 2.35
N THR A 799 29.46 9.18 2.67
CA THR A 799 28.39 9.03 3.64
C THR A 799 27.38 7.96 3.19
N SER A 800 27.29 7.73 1.88
CA SER A 800 26.45 6.65 1.36
C SER A 800 27.23 5.36 1.14
N LEU A 801 28.44 5.49 0.60
CA LEU A 801 29.18 4.33 0.16
C LEU A 801 30.04 3.69 1.23
N ARG A 802 30.06 4.27 2.43
CA ARG A 802 30.76 3.63 3.53
C ARG A 802 29.92 2.48 4.08
N ASN A 803 28.61 2.61 3.91
CA ASN A 803 27.64 1.71 4.50
C ASN A 803 27.21 0.53 3.63
N ILE A 804 27.99 0.24 2.58
CA ILE A 804 27.67 -0.90 1.71
C ILE A 804 28.77 -1.96 1.59
N ARG A 805 28.32 -3.14 1.20
CA ARG A 805 29.13 -4.35 1.09
C ARG A 805 30.23 -4.20 0.04
N ASP A 806 31.40 -4.79 0.30
CA ASP A 806 32.54 -4.65 -0.59
C ASP A 806 32.38 -5.41 -1.91
N ASN A 807 31.62 -4.84 -2.84
CA ASN A 807 31.34 -5.51 -4.11
C ASN A 807 31.95 -4.82 -5.34
N GLU A 808 31.70 -5.37 -6.54
CA GLU A 808 32.13 -4.79 -7.81
C GLU A 808 31.52 -3.40 -8.06
N GLU A 809 30.20 -3.29 -7.88
CA GLU A 809 29.53 -2.00 -7.97
C GLU A 809 30.30 -0.96 -7.18
N LYS A 810 30.70 -1.33 -5.96
CA LYS A 810 31.53 -0.48 -5.09
C LYS A 810 32.93 -0.34 -5.65
N ASP A 811 33.47 -1.43 -6.17
CA ASP A 811 34.84 -1.44 -6.67
C ASP A 811 35.07 -0.44 -7.79
N SER A 812 34.15 -0.44 -8.76
CA SER A 812 34.27 0.48 -9.87
C SER A 812 34.08 1.91 -9.36
N ALA A 813 33.10 2.10 -8.48
CA ALA A 813 32.81 3.42 -7.90
C ALA A 813 34.03 4.10 -7.30
N PHE A 814 34.91 3.31 -6.68
CA PHE A 814 36.09 3.85 -6.02
C PHE A 814 37.26 4.10 -6.96
N ARG A 815 37.40 3.26 -7.97
CA ARG A 815 38.35 3.54 -9.05
C ARG A 815 38.00 4.89 -9.67
N GLY A 816 36.72 5.24 -9.56
CA GLY A 816 36.18 6.48 -10.10
C GLY A 816 36.66 7.67 -9.32
N ILE A 817 36.44 7.63 -8.01
CA ILE A 817 36.96 8.67 -7.13
C ILE A 817 38.49 8.77 -7.28
N CYS A 818 39.16 7.62 -7.33
CA CYS A 818 40.63 7.54 -7.39
C CYS A 818 41.25 8.09 -8.66
N THR A 819 40.44 8.31 -9.69
CA THR A 819 40.92 8.88 -10.92
C THR A 819 40.56 10.35 -10.97
N MET A 820 39.41 10.68 -10.43
CA MET A 820 38.99 12.08 -10.27
C MET A 820 39.92 12.81 -9.30
N ILE A 821 40.57 12.05 -8.43
CA ILE A 821 41.51 12.61 -7.46
C ILE A 821 42.89 12.82 -8.07
N SER A 822 43.35 11.86 -8.87
CA SER A 822 44.58 12.05 -9.65
C SER A 822 44.50 13.29 -10.52
N VAL A 823 43.30 13.55 -11.06
CA VAL A 823 43.04 14.70 -11.95
C VAL A 823 42.78 16.00 -11.18
N ASN A 824 41.94 15.93 -10.15
CA ASN A 824 41.73 17.08 -9.25
C ASN A 824 41.99 16.73 -7.78
N PRO A 825 43.27 16.77 -7.35
CA PRO A 825 43.60 16.47 -5.95
C PRO A 825 43.11 17.59 -5.03
N SER A 826 42.86 18.75 -5.61
CA SER A 826 42.45 19.93 -4.85
C SER A 826 41.01 19.84 -4.38
N GLY A 827 40.24 18.92 -4.96
CA GLY A 827 38.87 18.68 -4.54
C GLY A 827 38.74 17.93 -3.23
N VAL A 828 39.76 17.13 -2.89
CA VAL A 828 39.68 16.25 -1.71
C VAL A 828 40.10 16.90 -0.40
N ILE A 829 41.07 17.80 -0.46
CA ILE A 829 41.76 18.25 0.75
C ILE A 829 40.81 18.76 1.83
N GLN A 830 39.80 19.53 1.42
CA GLN A 830 38.84 20.11 2.36
C GLN A 830 37.97 19.07 3.05
N ASP A 831 37.87 17.88 2.45
CA ASP A 831 37.06 16.81 3.01
C ASP A 831 37.76 15.43 2.98
N PHE A 832 39.09 15.47 3.01
CA PHE A 832 39.92 14.27 3.01
C PHE A 832 39.60 13.36 4.20
N ILE A 833 38.91 13.92 5.18
CA ILE A 833 38.41 13.17 6.32
C ILE A 833 37.35 12.15 5.90
N PHE A 834 36.30 12.63 5.23
CA PHE A 834 35.18 11.79 4.83
C PHE A 834 35.62 10.70 3.86
N PHE A 835 36.63 11.02 3.05
CA PHE A 835 37.23 10.06 2.16
C PHE A 835 37.90 8.91 2.93
N CYS A 836 38.53 9.23 4.05
CA CYS A 836 39.22 8.21 4.85
C CYS A 836 38.27 7.22 5.51
N ASP A 837 37.16 7.70 6.05
CA ASP A 837 36.12 6.82 6.57
C ASP A 837 35.46 6.02 5.45
N ALA A 838 35.70 6.46 4.21
CA ALA A 838 35.27 5.73 3.03
C ALA A 838 36.30 4.67 2.62
N VAL A 839 37.59 5.02 2.71
CA VAL A 839 38.65 4.04 2.44
C VAL A 839 38.51 2.92 3.45
N ALA A 840 38.30 3.28 4.71
CA ALA A 840 38.13 2.33 5.80
C ALA A 840 37.09 1.26 5.49
N SER A 841 35.95 1.69 4.98
CA SER A 841 34.83 0.80 4.64
C SER A 841 35.28 -0.51 3.99
N TRP A 842 36.42 -0.46 3.29
CA TRP A 842 36.94 -1.63 2.60
C TRP A 842 37.59 -2.63 3.55
N ILE A 843 37.04 -3.85 3.53
CA ILE A 843 37.59 -4.99 4.25
C ILE A 843 38.57 -5.73 3.35
N ASN A 844 38.07 -6.17 2.19
CA ASN A 844 38.92 -6.76 1.17
C ASN A 844 38.86 -6.02 -0.17
N PRO A 845 39.81 -5.08 -0.37
CA PRO A 845 39.96 -4.33 -1.60
C PRO A 845 40.97 -4.99 -2.54
N LYS A 846 40.64 -5.02 -3.83
CA LYS A 846 41.46 -5.66 -4.87
C LYS A 846 42.86 -5.08 -4.83
N ASP A 847 43.86 -5.92 -5.08
CA ASP A 847 45.24 -5.53 -4.78
C ASP A 847 45.59 -4.15 -5.32
N ASP A 848 45.46 -3.96 -6.62
CA ASP A 848 45.79 -2.72 -7.31
C ASP A 848 45.07 -1.50 -6.76
N LEU A 849 43.77 -1.62 -6.51
CA LEU A 849 42.96 -0.53 -6.01
C LEU A 849 43.28 -0.24 -4.56
N ARG A 850 43.47 -1.29 -3.77
CA ARG A 850 43.95 -1.13 -2.42
C ARG A 850 45.21 -0.26 -2.47
N ASP A 851 46.13 -0.64 -3.37
CA ASP A 851 47.32 0.13 -3.62
C ASP A 851 46.97 1.53 -4.12
N MET A 852 45.98 1.63 -5.00
CA MET A 852 45.51 2.94 -5.49
C MET A 852 45.15 3.88 -4.34
N PHE A 853 44.41 3.38 -3.36
CA PHE A 853 44.13 4.12 -2.14
C PHE A 853 45.42 4.52 -1.45
N CYS A 854 46.28 3.53 -1.25
CA CYS A 854 47.55 3.70 -0.55
C CYS A 854 48.39 4.84 -1.10
N LYS A 855 48.48 4.94 -2.43
CA LYS A 855 49.28 5.98 -3.09
C LYS A 855 48.73 7.38 -2.79
N ILE A 856 47.40 7.47 -2.73
CA ILE A 856 46.69 8.71 -2.37
C ILE A 856 47.13 9.17 -0.98
N LEU A 857 46.79 8.34 0.01
CA LEU A 857 47.01 8.66 1.41
C LEU A 857 48.45 9.06 1.65
N HIS A 858 49.37 8.30 1.07
CA HIS A 858 50.79 8.54 1.24
C HIS A 858 51.28 9.85 0.63
N GLY A 859 50.73 10.18 -0.54
CA GLY A 859 50.98 11.45 -1.21
C GLY A 859 50.41 12.60 -0.42
N PHE A 860 49.21 12.40 0.13
CA PHE A 860 48.58 13.40 1.01
C PHE A 860 49.48 13.73 2.19
N LYS A 861 49.98 12.68 2.86
CA LYS A 861 50.86 12.83 4.01
C LYS A 861 52.13 13.57 3.58
N ASN A 862 52.76 13.09 2.53
CA ASN A 862 53.94 13.73 1.92
C ASN A 862 53.73 15.21 1.61
N GLN A 863 52.47 15.58 1.41
CA GLN A 863 52.11 16.94 1.01
C GLN A 863 51.76 17.90 2.15
N VAL A 864 51.24 17.38 3.26
CA VAL A 864 50.80 18.25 4.35
C VAL A 864 51.82 18.36 5.51
N GLY A 865 52.72 17.38 5.60
CA GLY A 865 53.71 17.31 6.69
C GLY A 865 53.32 16.23 7.68
N ASP A 866 54.31 15.59 8.31
CA ASP A 866 54.04 14.50 9.26
C ASP A 866 53.45 15.02 10.57
N GLU A 867 53.86 16.22 10.96
CA GLU A 867 53.42 16.89 12.17
C GLU A 867 52.01 17.47 12.01
N ASN A 868 51.67 17.86 10.79
CA ASN A 868 50.32 18.31 10.44
C ASN A 868 49.38 17.12 10.25
N TRP A 869 49.96 16.01 9.80
CA TRP A 869 49.27 14.74 9.68
C TRP A 869 48.79 14.28 11.05
N ARG A 870 49.73 14.20 11.99
CA ARG A 870 49.44 13.98 13.41
C ARG A 870 48.12 14.65 13.79
N ARG A 871 48.11 15.98 13.81
CA ARG A 871 46.95 16.79 14.23
C ARG A 871 45.63 16.30 13.63
N PHE A 872 45.65 16.04 12.33
CA PHE A 872 44.47 15.60 11.62
C PHE A 872 44.11 14.17 12.01
N SER A 873 45.13 13.33 12.19
CA SER A 873 44.91 11.93 12.54
C SER A 873 44.10 11.78 13.82
N ASP A 874 44.42 12.63 14.79
CA ASP A 874 43.80 12.60 16.11
C ASP A 874 42.32 12.96 16.05
N GLN A 875 41.61 12.38 15.10
CA GLN A 875 40.19 12.64 14.95
C GLN A 875 39.43 11.35 14.90
N PHE A 876 39.65 10.56 13.85
CA PHE A 876 38.90 9.33 13.61
C PHE A 876 39.03 8.33 14.74
N PRO A 877 37.91 7.62 15.06
CA PRO A 877 37.88 6.60 16.10
C PRO A 877 38.89 5.48 15.81
N LEU A 878 39.38 4.84 16.86
CA LEU A 878 40.45 3.84 16.74
C LEU A 878 40.18 2.77 15.68
N PRO A 879 38.94 2.23 15.60
CA PRO A 879 38.60 1.35 14.48
C PRO A 879 38.77 1.97 13.08
N LEU A 880 39.46 3.11 12.99
CA LEU A 880 39.84 3.72 11.72
C LEU A 880 41.33 4.08 11.75
N LYS A 881 41.70 4.98 12.67
CA LYS A 881 43.07 5.46 12.85
C LYS A 881 44.10 4.37 12.59
N GLU A 882 43.97 3.27 13.32
CA GLU A 882 44.94 2.19 13.25
C GLU A 882 44.68 1.38 11.98
N ARG A 883 43.41 1.12 11.69
CA ARG A 883 42.99 0.33 10.54
C ARG A 883 43.54 0.83 9.21
N LEU A 884 43.94 2.10 9.17
CA LEU A 884 44.51 2.74 7.99
C LEU A 884 46.03 2.79 8.09
N ALA A 885 46.51 2.97 9.31
CA ALA A 885 47.92 2.93 9.60
C ALA A 885 48.39 1.47 9.53
N ALA A 886 47.45 0.56 9.69
CA ALA A 886 47.72 -0.86 9.56
C ALA A 886 47.85 -1.23 8.09
N PHE A 887 46.75 -1.04 7.34
CA PHE A 887 46.61 -1.54 5.98
C PHE A 887 47.53 -0.84 4.97
N TYR A 888 47.61 0.49 5.05
CA TYR A 888 48.39 1.28 4.10
C TYR A 888 49.61 1.85 4.77
N GLY A 889 49.56 1.98 6.09
CA GLY A 889 50.75 2.30 6.88
C GLY A 889 50.93 3.77 7.12
N VAL A 890 50.63 4.20 8.35
CA VAL A 890 50.62 5.62 8.74
C VAL A 890 49.93 6.44 7.65
N LYS B 10 22.71 -2.89 -8.76
CA LYS B 10 21.39 -2.69 -8.11
C LYS B 10 20.32 -2.31 -9.15
N VAL B 11 19.11 -2.84 -8.97
CA VAL B 11 18.04 -2.69 -9.95
C VAL B 11 16.74 -2.22 -9.30
N SER B 12 16.59 -2.49 -8.00
CA SER B 12 15.32 -2.34 -7.25
C SER B 12 14.34 -3.45 -7.65
N ARG B 13 13.96 -4.26 -6.66
CA ARG B 13 13.25 -5.54 -6.87
C ARG B 13 11.90 -5.45 -7.58
N ARG B 14 11.49 -6.57 -8.16
CA ARG B 14 10.21 -6.71 -8.84
C ARG B 14 9.07 -7.07 -7.87
N GLY B 15 9.39 -7.82 -6.82
CA GLY B 15 8.41 -8.18 -5.81
C GLY B 15 8.72 -7.63 -4.44
N GLY B 16 7.67 -7.37 -3.66
CA GLY B 16 7.81 -6.86 -2.29
C GLY B 16 6.78 -7.43 -1.31
N HIS B 17 6.34 -8.67 -1.58
CA HIS B 17 5.33 -9.41 -0.80
C HIS B 17 3.95 -8.74 -0.75
N GLN B 18 3.36 -8.58 -1.94
CA GLN B 18 2.12 -7.84 -2.13
C GLN B 18 0.89 -8.53 -1.52
N ASN B 19 0.83 -9.84 -1.58
CA ASN B 19 -0.21 -10.56 -0.88
C ASN B 19 0.24 -10.92 0.52
N SER B 20 0.90 -12.07 0.66
CA SER B 20 1.25 -12.60 1.97
C SER B 20 0.06 -12.58 2.91
N TYR B 21 0.32 -12.39 4.21
CA TYR B 21 -0.74 -12.47 5.19
C TYR B 21 -0.44 -11.50 6.31
N LYS B 22 -1.40 -10.61 6.60
CA LYS B 22 -1.41 -9.83 7.82
C LYS B 22 -2.65 -10.18 8.62
N PRO B 23 -2.48 -10.53 9.90
CA PRO B 23 -3.68 -10.80 10.71
C PRO B 23 -4.46 -9.52 11.01
N TYR B 24 -3.84 -8.37 10.77
CA TYR B 24 -4.47 -7.07 10.98
C TYR B 24 -3.82 -6.02 10.08
#